data_5U2W
#
_entry.id   5U2W
#
_cell.length_a   136.970
_cell.length_b   72.370
_cell.length_c   100.530
_cell.angle_alpha   90.000
_cell.angle_beta   100.880
_cell.angle_gamma   90.000
#
_symmetry.space_group_name_H-M   'C 1 2 1'
#
loop_
_entity.id
_entity.type
_entity.pdbx_description
1 polymer 'Short chain dehydrogenase'
2 non-polymer 'NADP NICOTINAMIDE-ADENINE-DINUCLEOTIDE PHOSPHATE'
3 non-polymer 1,2-ETHANEDIOL
4 non-polymer IMIDAZOLE
5 water water
#
_entity_poly.entity_id   1
_entity_poly.type   'polypeptide(L)'
_entity_poly.pdbx_seq_one_letter_code
;MAHHHHHHMNRLQGKRALVTGGSRGIGAAIAKRLAADGADVAITYEKSAERAQAVVAGIEALGRRAIAIQADSADPVAVR
NAVDRVAEAFGGLDILVNNAGIFRAGSLDDLTLDDIDATLNVNVRAVIVASQAAARHLGEGGRIVSTGSCLATRVPDAGM
SLYAASKAALIGWTQGLARDLGPRGITVNIVHPGSTDTDMNPADGAHADAQRSRMAIQQYGKADDVAALVAFVVGPEGRS
INGTGLTIDGGANA
;
_entity_poly.pdbx_strand_id   A,B,C,D
#
# COMPACT_ATOMS: atom_id res chain seq x y z
N MET A 9 2.03 -31.59 -22.28
CA MET A 9 3.18 -31.78 -21.40
C MET A 9 3.95 -30.48 -21.19
N ASN A 10 3.84 -29.56 -22.14
CA ASN A 10 4.37 -28.21 -21.97
C ASN A 10 3.53 -27.46 -20.95
N ARG A 11 4.19 -26.61 -20.14
CA ARG A 11 3.47 -25.86 -19.10
C ARG A 11 2.36 -25.00 -19.70
N LEU A 12 2.60 -24.44 -20.88
CA LEU A 12 1.60 -23.65 -21.60
C LEU A 12 1.15 -24.37 -22.87
N GLN A 13 0.96 -25.68 -22.77
CA GLN A 13 0.52 -26.49 -23.91
C GLN A 13 -0.71 -25.91 -24.58
N GLY A 14 -0.59 -25.62 -25.87
CA GLY A 14 -1.72 -25.15 -26.64
C GLY A 14 -2.10 -23.71 -26.41
N LYS A 15 -1.40 -22.98 -25.54
CA LYS A 15 -1.81 -21.62 -25.22
C LYS A 15 -1.43 -20.64 -26.33
N ARG A 16 -2.17 -19.54 -26.35
CA ARG A 16 -2.13 -18.54 -27.43
C ARG A 16 -1.96 -17.17 -26.79
N ALA A 17 -0.84 -16.49 -27.06
CA ALA A 17 -0.45 -15.30 -26.34
C ALA A 17 -0.17 -14.13 -27.25
N LEU A 18 -0.42 -12.92 -26.75
CA LEU A 18 0.00 -11.68 -27.36
C LEU A 18 0.81 -10.88 -26.34
N VAL A 19 2.00 -10.44 -26.75
CA VAL A 19 2.87 -9.58 -25.93
C VAL A 19 3.05 -8.28 -26.68
N THR A 20 2.53 -7.19 -26.14
CA THR A 20 2.78 -5.92 -26.82
C THR A 20 4.21 -5.44 -26.53
N GLY A 21 4.80 -4.79 -27.52
CA GLY A 21 6.20 -4.37 -27.33
C GLY A 21 7.12 -5.56 -27.13
N GLY A 22 7.03 -6.53 -28.01
CA GLY A 22 7.80 -7.75 -27.86
C GLY A 22 9.04 -7.83 -28.71
N SER A 23 9.45 -6.73 -29.37
CA SER A 23 10.60 -6.80 -30.26
C SER A 23 11.93 -6.68 -29.53
N ARG A 24 11.94 -6.13 -28.31
CA ARG A 24 13.16 -5.84 -27.58
C ARG A 24 12.87 -5.95 -26.08
N GLY A 25 13.94 -6.04 -25.30
CA GLY A 25 13.84 -5.79 -23.87
C GLY A 25 12.99 -6.81 -23.14
N ILE A 26 12.26 -6.32 -22.12
CA ILE A 26 11.44 -7.21 -21.29
C ILE A 26 10.41 -7.94 -22.13
N GLY A 27 9.78 -7.23 -23.08
CA GLY A 27 8.76 -7.85 -23.92
C GLY A 27 9.30 -8.99 -24.78
N ALA A 28 10.49 -8.81 -25.37
CA ALA A 28 11.09 -9.91 -26.12
C ALA A 28 11.37 -11.10 -25.21
N ALA A 29 11.86 -10.84 -24.00
CA ALA A 29 12.14 -11.93 -23.07
C ALA A 29 10.86 -12.65 -22.68
N ILE A 30 9.77 -11.90 -22.46
CA ILE A 30 8.50 -12.54 -22.14
C ILE A 30 8.03 -13.41 -23.30
N ALA A 31 8.07 -12.86 -24.52
CA ALA A 31 7.61 -13.61 -25.70
C ALA A 31 8.39 -14.92 -25.84
N LYS A 32 9.72 -14.85 -25.70
CA LYS A 32 10.54 -16.05 -25.83
C LYS A 32 10.21 -17.05 -24.72
N ARG A 33 9.95 -16.57 -23.50
CA ARG A 33 9.71 -17.50 -22.40
C ARG A 33 8.35 -18.19 -22.53
N LEU A 34 7.31 -17.43 -22.90
CA LEU A 34 6.03 -18.07 -23.15
C LEU A 34 6.15 -19.11 -24.24
N ALA A 35 6.88 -18.80 -25.32
CA ALA A 35 7.11 -19.78 -26.37
C ALA A 35 7.86 -20.99 -25.86
N ALA A 36 8.90 -20.75 -25.05
CA ALA A 36 9.68 -21.87 -24.51
C ALA A 36 8.81 -22.77 -23.65
N ASP A 37 7.80 -22.20 -22.98
CA ASP A 37 6.89 -22.96 -22.14
C ASP A 37 5.76 -23.60 -22.94
N GLY A 38 5.66 -23.34 -24.24
CA GLY A 38 4.74 -24.08 -25.11
C GLY A 38 3.74 -23.23 -25.87
N ALA A 39 3.69 -21.93 -25.64
CA ALA A 39 2.66 -21.08 -26.24
C ALA A 39 3.02 -20.67 -27.66
N ASP A 40 2.00 -20.55 -28.49
CA ASP A 40 2.08 -19.72 -29.68
C ASP A 40 2.06 -18.25 -29.27
N VAL A 41 2.92 -17.43 -29.88
CA VAL A 41 3.13 -16.07 -29.39
C VAL A 41 3.12 -15.08 -30.52
N ALA A 42 2.30 -14.04 -30.38
CA ALA A 42 2.34 -12.87 -31.24
C ALA A 42 2.93 -11.69 -30.47
N ILE A 43 3.65 -10.82 -31.17
CA ILE A 43 4.20 -9.61 -30.56
C ILE A 43 3.77 -8.40 -31.37
N THR A 44 3.66 -7.24 -30.71
CA THR A 44 3.60 -5.98 -31.43
C THR A 44 4.92 -5.22 -31.31
N TYR A 45 5.09 -4.27 -32.22
CA TYR A 45 6.23 -3.38 -32.20
C TYR A 45 5.81 -2.08 -32.87
N GLU A 46 6.62 -1.05 -32.67
CA GLU A 46 6.38 0.25 -33.29
C GLU A 46 7.24 0.45 -34.54
N LYS A 47 8.56 0.25 -34.39
CA LYS A 47 9.51 0.50 -35.48
C LYS A 47 10.48 -0.64 -35.73
N SER A 48 10.76 -1.51 -34.75
CA SER A 48 11.91 -2.43 -34.86
C SER A 48 11.50 -3.70 -35.62
N ALA A 49 11.25 -3.53 -36.93
CA ALA A 49 10.70 -4.64 -37.70
C ALA A 49 11.67 -5.81 -37.82
N GLU A 50 12.95 -5.53 -38.06
CA GLU A 50 13.95 -6.59 -38.18
C GLU A 50 14.09 -7.35 -36.87
N ARG A 51 14.20 -6.64 -35.75
CA ARG A 51 14.32 -7.33 -34.47
C ARG A 51 13.06 -8.12 -34.15
N ALA A 52 11.89 -7.58 -34.49
CA ALA A 52 10.64 -8.29 -34.24
C ALA A 52 10.59 -9.59 -35.06
N GLN A 53 10.97 -9.53 -36.33
CA GLN A 53 10.98 -10.74 -37.14
C GLN A 53 11.98 -11.76 -36.60
N ALA A 54 13.10 -11.31 -36.04
CA ALA A 54 14.05 -12.25 -35.47
C ALA A 54 13.47 -12.96 -34.24
N VAL A 55 12.72 -12.23 -33.39
CA VAL A 55 12.02 -12.88 -32.28
C VAL A 55 11.06 -13.94 -32.82
N VAL A 56 10.31 -13.60 -33.86
CA VAL A 56 9.37 -14.55 -34.44
C VAL A 56 10.08 -15.77 -34.97
N ALA A 57 11.16 -15.55 -35.73
CA ALA A 57 11.88 -16.68 -36.31
C ALA A 57 12.37 -17.62 -35.22
N GLY A 58 12.88 -17.07 -34.12
CA GLY A 58 13.34 -17.93 -33.03
C GLY A 58 12.21 -18.76 -32.43
N ILE A 59 11.04 -18.16 -32.31
CA ILE A 59 9.90 -18.88 -31.74
C ILE A 59 9.43 -19.97 -32.70
N GLU A 60 9.37 -19.65 -33.99
CA GLU A 60 9.01 -20.65 -34.99
C GLU A 60 10.00 -21.82 -34.99
N ALA A 61 11.27 -21.54 -34.73
CA ALA A 61 12.27 -22.61 -34.73
C ALA A 61 12.02 -23.63 -33.63
N LEU A 62 11.28 -23.25 -32.59
CA LEU A 62 10.85 -24.16 -31.53
C LEU A 62 9.66 -25.01 -31.92
N GLY A 63 9.04 -24.72 -33.05
CA GLY A 63 7.85 -25.42 -33.47
C GLY A 63 6.56 -24.73 -33.11
N ARG A 64 6.62 -23.50 -32.63
CA ARG A 64 5.44 -22.74 -32.27
CA ARG A 64 5.45 -22.72 -32.26
C ARG A 64 5.01 -21.85 -33.43
N ARG A 65 3.76 -21.42 -33.38
CA ARG A 65 3.29 -20.38 -34.28
C ARG A 65 3.66 -19.03 -33.67
N ALA A 66 4.04 -18.08 -34.53
CA ALA A 66 4.35 -16.73 -34.06
C ALA A 66 4.15 -15.72 -35.18
N ILE A 67 3.79 -14.50 -34.79
CA ILE A 67 3.61 -13.41 -35.74
C ILE A 67 4.08 -12.12 -35.08
N ALA A 68 4.55 -11.19 -35.91
CA ALA A 68 4.89 -9.85 -35.43
C ALA A 68 4.01 -8.84 -36.15
N ILE A 69 3.38 -7.95 -35.37
CA ILE A 69 2.41 -7.01 -35.91
C ILE A 69 2.91 -5.62 -35.58
N GLN A 70 3.14 -4.80 -36.61
CA GLN A 70 3.41 -3.40 -36.38
CA GLN A 70 3.41 -3.40 -36.38
C GLN A 70 2.12 -2.72 -35.95
N ALA A 71 2.11 -2.21 -34.72
CA ALA A 71 0.90 -1.60 -34.18
C ALA A 71 1.32 -0.55 -33.16
N ASP A 72 1.13 0.70 -33.51
CA ASP A 72 1.48 1.81 -32.63
C ASP A 72 0.52 1.84 -31.44
N SER A 73 1.05 1.60 -30.23
CA SER A 73 0.22 1.64 -29.02
C SER A 73 -0.55 2.93 -28.87
N ALA A 74 -0.04 4.03 -29.42
CA ALA A 74 -0.73 5.32 -29.29
C ALA A 74 -2.00 5.38 -30.12
N ASP A 75 -2.22 4.44 -31.01
CA ASP A 75 -3.35 4.42 -31.93
C ASP A 75 -4.32 3.35 -31.46
N PRO A 76 -5.45 3.69 -30.84
CA PRO A 76 -6.33 2.66 -30.27
C PRO A 76 -6.91 1.72 -31.32
N VAL A 77 -7.14 2.20 -32.53
CA VAL A 77 -7.63 1.30 -33.59
C VAL A 77 -6.57 0.27 -33.93
N ALA A 78 -5.30 0.68 -34.04
CA ALA A 78 -4.25 -0.28 -34.32
C ALA A 78 -4.13 -1.32 -33.20
N VAL A 79 -4.29 -0.89 -31.95
CA VAL A 79 -4.16 -1.82 -30.83
C VAL A 79 -5.30 -2.83 -30.88
N ARG A 80 -6.53 -2.35 -31.02
CA ARG A 80 -7.67 -3.26 -31.02
C ARG A 80 -7.58 -4.21 -32.20
N ASN A 81 -7.18 -3.70 -33.36
CA ASN A 81 -7.08 -4.57 -34.53
C ASN A 81 -5.99 -5.61 -34.37
N ALA A 82 -4.90 -5.26 -33.68
CA ALA A 82 -3.83 -6.23 -33.45
C ALA A 82 -4.32 -7.39 -32.59
N VAL A 83 -5.07 -7.09 -31.53
CA VAL A 83 -5.63 -8.15 -30.70
C VAL A 83 -6.53 -9.05 -31.53
N ASP A 84 -7.39 -8.46 -32.35
CA ASP A 84 -8.29 -9.25 -33.18
C ASP A 84 -7.51 -10.08 -34.19
N ARG A 85 -6.42 -9.52 -34.74
CA ARG A 85 -5.64 -10.27 -35.71
C ARG A 85 -5.02 -11.51 -35.08
N VAL A 86 -4.54 -11.40 -33.84
CA VAL A 86 -3.97 -12.56 -33.16
C VAL A 86 -5.03 -13.64 -32.96
N ALA A 87 -6.21 -13.25 -32.46
CA ALA A 87 -7.26 -14.25 -32.24
C ALA A 87 -7.65 -14.94 -33.53
N GLU A 88 -7.73 -14.19 -34.64
CA GLU A 88 -8.01 -14.80 -35.93
C GLU A 88 -6.88 -15.74 -36.37
N ALA A 89 -5.61 -15.31 -36.18
CA ALA A 89 -4.50 -16.13 -36.66
C ALA A 89 -4.35 -17.42 -35.86
N PHE A 90 -4.51 -17.36 -34.54
CA PHE A 90 -4.26 -18.51 -33.69
C PHE A 90 -5.52 -19.30 -33.39
N GLY A 91 -6.70 -18.79 -33.77
CA GLY A 91 -7.95 -19.43 -33.45
C GLY A 91 -8.55 -19.01 -32.11
N GLY A 92 -7.84 -18.19 -31.36
CA GLY A 92 -8.30 -17.73 -30.07
C GLY A 92 -7.16 -17.07 -29.33
N LEU A 93 -7.45 -16.67 -28.10
CA LEU A 93 -6.47 -15.96 -27.29
C LEU A 93 -6.62 -16.43 -25.85
N ASP A 94 -5.48 -16.73 -25.21
CA ASP A 94 -5.48 -17.12 -23.80
C ASP A 94 -4.74 -16.17 -22.90
N ILE A 95 -3.75 -15.45 -23.41
CA ILE A 95 -2.84 -14.65 -22.58
C ILE A 95 -2.61 -13.33 -23.29
N LEU A 96 -2.81 -12.21 -22.57
CA LEU A 96 -2.42 -10.88 -23.03
C LEU A 96 -1.40 -10.32 -22.06
N VAL A 97 -0.25 -9.86 -22.58
CA VAL A 97 0.74 -9.17 -21.75
C VAL A 97 0.88 -7.76 -22.33
N ASN A 98 0.44 -6.76 -21.54
CA ASN A 98 0.55 -5.35 -21.95
C ASN A 98 1.91 -4.86 -21.48
N ASN A 99 2.88 -4.81 -22.38
CA ASN A 99 4.24 -4.49 -21.98
C ASN A 99 4.82 -3.27 -22.65
N ALA A 100 4.41 -2.96 -23.88
CA ALA A 100 4.97 -1.80 -24.57
C ALA A 100 4.84 -0.55 -23.70
N GLY A 101 5.92 0.20 -23.58
CA GLY A 101 5.86 1.40 -22.76
C GLY A 101 6.99 2.33 -23.12
N ILE A 102 6.82 3.59 -22.72
CA ILE A 102 7.83 4.63 -22.94
C ILE A 102 8.12 5.36 -21.65
N PHE A 103 9.34 5.91 -21.57
CA PHE A 103 9.76 6.76 -20.46
CA PHE A 103 9.77 6.75 -20.46
C PHE A 103 10.30 8.04 -21.08
N ARG A 104 9.53 9.13 -20.98
CA ARG A 104 9.94 10.41 -21.52
C ARG A 104 10.67 11.19 -20.42
N ALA A 105 11.98 11.43 -20.61
CA ALA A 105 12.75 12.15 -19.62
C ALA A 105 12.44 13.64 -19.65
N GLY A 106 12.43 14.26 -18.48
CA GLY A 106 12.37 15.71 -18.43
C GLY A 106 11.90 16.23 -17.09
N SER A 107 12.26 17.48 -16.83
CA SER A 107 11.87 18.18 -15.61
C SER A 107 10.41 18.62 -15.69
N LEU A 108 9.86 18.98 -14.53
CA LEU A 108 8.51 19.52 -14.48
C LEU A 108 8.39 20.79 -15.34
N ASP A 109 9.35 21.71 -15.19
CA ASP A 109 9.33 22.98 -15.90
C ASP A 109 9.24 22.77 -17.41
N ASP A 110 9.90 21.73 -17.90
CA ASP A 110 10.06 21.48 -19.34
C ASP A 110 9.03 20.53 -19.91
N LEU A 111 8.18 19.94 -19.07
CA LEU A 111 7.23 18.95 -19.52
C LEU A 111 6.33 19.49 -20.63
N THR A 112 6.20 18.76 -21.72
CA THR A 112 5.40 19.20 -22.86
C THR A 112 4.09 18.44 -22.91
N LEU A 113 3.09 19.05 -23.54
CA LEU A 113 1.82 18.37 -23.78
C LEU A 113 2.03 17.13 -24.63
N ASP A 114 2.95 17.20 -25.60
CA ASP A 114 3.25 16.03 -26.42
C ASP A 114 3.75 14.88 -25.56
N ASP A 115 4.59 15.17 -24.58
CA ASP A 115 5.09 14.08 -23.72
C ASP A 115 3.99 13.56 -22.81
N ILE A 116 3.11 14.44 -22.33
CA ILE A 116 2.00 13.99 -21.50
C ILE A 116 1.09 13.07 -22.29
N ASP A 117 0.67 13.54 -23.47
CA ASP A 117 -0.24 12.75 -24.31
C ASP A 117 0.40 11.43 -24.74
N ALA A 118 1.66 11.47 -25.17
CA ALA A 118 2.32 10.24 -25.60
C ALA A 118 2.37 9.24 -24.46
N THR A 119 2.73 9.71 -23.26
CA THR A 119 2.85 8.80 -22.13
C THR A 119 1.49 8.24 -21.73
N LEU A 120 0.46 9.09 -21.65
CA LEU A 120 -0.84 8.55 -21.28
C LEU A 120 -1.40 7.65 -22.38
N ASN A 121 -1.15 7.98 -23.65
CA ASN A 121 -1.72 7.18 -24.73
C ASN A 121 -1.04 5.81 -24.81
N VAL A 122 0.29 5.78 -24.70
CA VAL A 122 1.02 4.52 -24.83
C VAL A 122 0.95 3.70 -23.55
N ASN A 123 1.21 4.34 -22.41
CA ASN A 123 1.36 3.59 -21.17
C ASN A 123 0.04 3.26 -20.50
N VAL A 124 -1.02 4.02 -20.80
CA VAL A 124 -2.30 3.82 -20.10
C VAL A 124 -3.40 3.45 -21.09
N ARG A 125 -3.72 4.34 -22.03
CA ARG A 125 -4.86 4.09 -22.91
C ARG A 125 -4.67 2.78 -23.70
N ALA A 126 -3.46 2.51 -24.18
CA ALA A 126 -3.25 1.29 -24.95
C ALA A 126 -3.49 0.03 -24.10
N VAL A 127 -3.17 0.11 -22.81
CA VAL A 127 -3.43 -1.01 -21.90
C VAL A 127 -4.92 -1.24 -21.75
N ILE A 128 -5.67 -0.17 -21.53
CA ILE A 128 -7.13 -0.24 -21.41
C ILE A 128 -7.74 -0.81 -22.69
N VAL A 129 -7.35 -0.27 -23.85
CA VAL A 129 -7.93 -0.69 -25.12
C VAL A 129 -7.60 -2.16 -25.43
N ALA A 130 -6.34 -2.55 -25.24
CA ALA A 130 -5.98 -3.94 -25.50
C ALA A 130 -6.69 -4.88 -24.54
N SER A 131 -6.80 -4.48 -23.27
CA SER A 131 -7.48 -5.33 -22.30
C SER A 131 -8.93 -5.55 -22.67
N GLN A 132 -9.63 -4.47 -23.06
CA GLN A 132 -11.03 -4.60 -23.46
C GLN A 132 -11.16 -5.47 -24.71
N ALA A 133 -10.28 -5.28 -25.70
CA ALA A 133 -10.34 -6.07 -26.90
C ALA A 133 -10.03 -7.53 -26.62
N ALA A 134 -9.04 -7.78 -25.76
CA ALA A 134 -8.72 -9.16 -25.42
C ALA A 134 -9.87 -9.82 -24.66
N ALA A 135 -10.57 -9.06 -23.82
CA ALA A 135 -11.67 -9.64 -23.04
C ALA A 135 -12.79 -10.17 -23.92
N ARG A 136 -12.92 -9.64 -25.14
CA ARG A 136 -13.90 -10.19 -26.07
CA ARG A 136 -13.90 -10.18 -26.08
C ARG A 136 -13.54 -11.60 -26.51
N HIS A 137 -12.26 -11.97 -26.43
CA HIS A 137 -11.77 -13.27 -26.90
C HIS A 137 -11.43 -14.25 -25.79
N LEU A 138 -10.87 -13.76 -24.69
CA LEU A 138 -10.44 -14.62 -23.59
C LEU A 138 -11.62 -15.36 -23.00
N GLY A 139 -11.35 -16.60 -22.59
CA GLY A 139 -12.31 -17.39 -21.84
C GLY A 139 -11.83 -17.78 -20.46
N GLU A 140 -12.55 -18.72 -19.86
CA GLU A 140 -12.21 -19.20 -18.52
C GLU A 140 -10.76 -19.67 -18.50
N GLY A 141 -10.01 -19.17 -17.54
CA GLY A 141 -8.60 -19.53 -17.45
C GLY A 141 -7.69 -18.57 -18.18
N GLY A 142 -8.26 -17.58 -18.87
CA GLY A 142 -7.43 -16.60 -19.53
C GLY A 142 -6.69 -15.73 -18.54
N ARG A 143 -5.67 -15.05 -19.03
CA ARG A 143 -4.76 -14.30 -18.17
CA ARG A 143 -4.74 -14.31 -18.18
C ARG A 143 -4.40 -12.98 -18.83
N ILE A 144 -4.50 -11.89 -18.08
CA ILE A 144 -3.99 -10.59 -18.52
C ILE A 144 -2.94 -10.14 -17.51
N VAL A 145 -1.76 -9.77 -18.01
CA VAL A 145 -0.69 -9.20 -17.19
C VAL A 145 -0.25 -7.90 -17.84
N SER A 146 0.03 -6.87 -17.04
CA SER A 146 0.62 -5.65 -17.57
C SER A 146 1.96 -5.41 -16.89
N THR A 147 2.86 -4.74 -17.60
CA THR A 147 4.14 -4.38 -17.01
C THR A 147 4.03 -3.01 -16.36
N GLY A 148 4.19 -2.97 -15.02
CA GLY A 148 4.13 -1.74 -14.27
C GLY A 148 5.51 -1.16 -14.04
N SER A 149 5.82 -0.80 -12.80
CA SER A 149 7.12 -0.26 -12.41
C SER A 149 7.15 -0.14 -10.89
N CYS A 150 8.33 -0.34 -10.29
CA CYS A 150 8.43 -0.03 -8.86
C CYS A 150 8.14 1.45 -8.61
N LEU A 151 8.33 2.31 -9.62
CA LEU A 151 8.04 3.73 -9.46
C LEU A 151 6.55 4.01 -9.34
N ALA A 152 5.68 3.04 -9.63
CA ALA A 152 4.25 3.29 -9.51
C ALA A 152 3.84 3.56 -8.07
N THR A 153 4.62 3.09 -7.10
CA THR A 153 4.23 3.21 -5.71
C THR A 153 5.25 3.93 -4.85
N ARG A 154 6.44 4.18 -5.38
CA ARG A 154 7.52 4.85 -4.62
CA ARG A 154 7.53 4.81 -4.63
C ARG A 154 8.36 5.61 -5.61
N VAL A 155 8.40 6.93 -5.44
CA VAL A 155 9.11 7.79 -6.40
C VAL A 155 10.23 8.48 -5.67
N PRO A 156 11.50 8.12 -5.93
CA PRO A 156 12.61 8.62 -5.09
C PRO A 156 13.15 9.97 -5.47
N ASP A 157 12.95 10.43 -6.70
CA ASP A 157 13.59 11.67 -7.12
CA ASP A 157 13.64 11.60 -7.24
C ASP A 157 12.65 12.42 -8.05
N ALA A 158 13.07 13.63 -8.37
CA ALA A 158 12.39 14.49 -9.33
C ALA A 158 12.56 13.94 -10.75
N GLY A 159 11.65 14.37 -11.63
CA GLY A 159 11.76 14.06 -13.04
C GLY A 159 11.07 12.79 -13.48
N MET A 160 10.37 12.12 -12.58
CA MET A 160 9.73 10.83 -12.86
C MET A 160 8.21 10.89 -12.75
N SER A 161 7.63 12.07 -12.57
CA SER A 161 6.26 12.14 -12.06
C SER A 161 5.25 11.68 -13.10
N LEU A 162 5.39 12.16 -14.34
CA LEU A 162 4.47 11.72 -15.39
C LEU A 162 4.56 10.21 -15.59
N TYR A 163 5.78 9.66 -15.65
CA TYR A 163 5.93 8.22 -15.82
C TYR A 163 5.33 7.45 -14.64
N ALA A 164 5.63 7.89 -13.42
CA ALA A 164 5.06 7.24 -12.24
C ALA A 164 3.54 7.26 -12.27
N ALA A 165 2.95 8.40 -12.65
CA ALA A 165 1.49 8.46 -12.76
C ALA A 165 0.97 7.43 -13.76
N SER A 166 1.65 7.30 -14.89
CA SER A 166 1.16 6.37 -15.92
C SER A 166 1.21 4.93 -15.44
N LYS A 167 2.19 4.58 -14.62
CA LYS A 167 2.28 3.21 -14.14
C LYS A 167 1.36 2.97 -12.94
N ALA A 168 1.18 3.99 -12.10
CA ALA A 168 0.23 3.90 -11.00
C ALA A 168 -1.19 3.70 -11.53
N ALA A 169 -1.52 4.35 -12.65
CA ALA A 169 -2.84 4.17 -13.27
C ALA A 169 -3.12 2.70 -13.52
N LEU A 170 -2.07 1.93 -13.87
CA LEU A 170 -2.29 0.53 -14.21
C LEU A 170 -2.64 -0.31 -13.00
N ILE A 171 -2.32 0.16 -11.79
CA ILE A 171 -2.71 -0.57 -10.58
C ILE A 171 -4.22 -0.53 -10.40
N GLY A 172 -4.81 0.66 -10.50
CA GLY A 172 -6.26 0.76 -10.42
C GLY A 172 -6.95 -0.01 -11.53
N TRP A 173 -6.40 0.07 -12.74
CA TRP A 173 -6.98 -0.67 -13.85
C TRP A 173 -6.96 -2.17 -13.57
N THR A 174 -5.81 -2.68 -13.11
CA THR A 174 -5.64 -4.11 -12.87
C THR A 174 -6.61 -4.62 -11.83
N GLN A 175 -6.73 -3.90 -10.71
CA GLN A 175 -7.62 -4.36 -9.65
C GLN A 175 -9.08 -4.30 -10.10
N GLY A 176 -9.47 -3.22 -10.78
CA GLY A 176 -10.85 -3.15 -11.24
C GLY A 176 -11.14 -4.19 -12.30
N LEU A 177 -10.19 -4.42 -13.21
CA LEU A 177 -10.46 -5.36 -14.29
C LEU A 177 -10.56 -6.78 -13.75
N ALA A 178 -9.82 -7.10 -12.69
CA ALA A 178 -9.98 -8.39 -12.06
C ALA A 178 -11.41 -8.58 -11.57
N ARG A 179 -12.02 -7.51 -11.05
CA ARG A 179 -13.43 -7.60 -10.67
C ARG A 179 -14.33 -7.76 -11.90
N ASP A 180 -14.05 -7.01 -12.97
CA ASP A 180 -14.87 -7.10 -14.18
C ASP A 180 -14.87 -8.51 -14.74
N LEU A 181 -13.71 -9.16 -14.76
CA LEU A 181 -13.54 -10.42 -15.45
C LEU A 181 -13.60 -11.64 -14.54
N GLY A 182 -13.81 -11.43 -13.24
CA GLY A 182 -13.92 -12.54 -12.31
C GLY A 182 -14.96 -13.59 -12.67
N PRO A 183 -16.20 -13.15 -12.92
CA PRO A 183 -17.25 -14.13 -13.25
C PRO A 183 -16.90 -15.00 -14.44
N ARG A 184 -16.11 -14.49 -15.38
CA ARG A 184 -15.73 -15.28 -16.55
C ARG A 184 -14.45 -16.08 -16.33
N GLY A 185 -13.78 -15.89 -15.20
CA GLY A 185 -12.65 -16.74 -14.87
C GLY A 185 -11.32 -16.29 -15.43
N ILE A 186 -11.14 -15.00 -15.69
CA ILE A 186 -9.92 -14.45 -16.26
C ILE A 186 -9.18 -13.68 -15.17
N THR A 187 -7.91 -13.99 -14.94
CA THR A 187 -7.17 -13.24 -13.93
C THR A 187 -6.50 -12.04 -14.58
N VAL A 188 -6.28 -11.01 -13.76
CA VAL A 188 -5.63 -9.79 -14.20
C VAL A 188 -4.62 -9.38 -13.13
N ASN A 189 -3.36 -9.20 -13.52
CA ASN A 189 -2.27 -8.92 -12.59
C ASN A 189 -1.32 -7.90 -13.21
N ILE A 190 -0.45 -7.33 -12.37
CA ILE A 190 0.57 -6.42 -12.84
C ILE A 190 1.92 -6.85 -12.24
N VAL A 191 2.94 -6.93 -13.10
CA VAL A 191 4.30 -7.20 -12.64
C VAL A 191 5.05 -5.88 -12.70
N HIS A 192 5.65 -5.48 -11.57
CA HIS A 192 6.35 -4.22 -11.42
C HIS A 192 7.84 -4.45 -11.41
N PRO A 193 8.55 -4.28 -12.52
CA PRO A 193 10.01 -4.39 -12.46
C PRO A 193 10.60 -3.15 -11.80
N GLY A 194 11.71 -3.36 -11.11
CA GLY A 194 12.63 -2.30 -10.80
C GLY A 194 13.63 -2.21 -11.94
N SER A 195 14.83 -1.69 -11.63
CA SER A 195 15.84 -1.46 -12.65
C SER A 195 16.20 -2.77 -13.32
N THR A 196 16.00 -2.82 -14.64
CA THR A 196 16.15 -4.04 -15.42
C THR A 196 16.94 -3.67 -16.67
N ASP A 197 17.98 -4.44 -16.96
CA ASP A 197 18.97 -4.06 -17.99
C ASP A 197 18.34 -4.19 -19.37
N THR A 198 17.95 -3.05 -19.96
CA THR A 198 17.37 -2.98 -21.32
C THR A 198 17.81 -1.71 -22.01
N ASP A 199 17.36 -1.50 -23.26
CA ASP A 199 17.66 -0.24 -23.94
C ASP A 199 17.06 0.95 -23.19
N MET A 200 15.86 0.77 -22.61
CA MET A 200 15.25 1.85 -21.84
C MET A 200 16.07 2.18 -20.61
N ASN A 201 16.74 1.18 -20.04
CA ASN A 201 17.42 1.35 -18.75
C ASN A 201 18.68 0.50 -18.73
N PRO A 202 19.73 0.95 -19.42
CA PRO A 202 20.92 0.10 -19.53
C PRO A 202 21.72 0.08 -18.23
N ALA A 203 22.22 -1.11 -17.89
CA ALA A 203 22.95 -1.28 -16.63
C ALA A 203 24.27 -0.52 -16.61
N ASP A 204 24.76 -0.05 -17.76
CA ASP A 204 25.95 0.77 -17.82
C ASP A 204 25.64 2.23 -18.08
N GLY A 205 24.38 2.63 -17.92
CA GLY A 205 23.97 4.00 -18.14
C GLY A 205 24.48 4.91 -17.05
N ALA A 206 24.39 6.22 -17.33
CA ALA A 206 24.92 7.20 -16.39
C ALA A 206 24.15 7.19 -15.07
N HIS A 207 22.89 6.78 -15.09
CA HIS A 207 22.08 6.82 -13.88
C HIS A 207 22.03 5.48 -13.18
N ALA A 208 22.79 4.50 -13.66
CA ALA A 208 22.65 3.13 -13.17
C ALA A 208 23.22 2.99 -11.75
N ASP A 209 24.31 3.68 -11.44
CA ASP A 209 24.83 3.63 -10.07
C ASP A 209 23.80 4.10 -9.06
N ALA A 210 23.13 5.22 -9.36
CA ALA A 210 22.12 5.76 -8.45
C ALA A 210 20.96 4.79 -8.27
N GLN A 211 20.57 4.12 -9.37
CA GLN A 211 19.49 3.16 -9.27
C GLN A 211 19.91 1.94 -8.46
N ARG A 212 21.14 1.45 -8.67
CA ARG A 212 21.59 0.31 -7.86
C ARG A 212 21.65 0.67 -6.38
N SER A 213 22.00 1.92 -6.06
CA SER A 213 22.16 2.35 -4.67
CA SER A 213 22.17 2.30 -4.66
C SER A 213 20.85 2.26 -3.88
N ARG A 214 19.71 2.27 -4.57
CA ARG A 214 18.41 2.20 -3.90
C ARG A 214 18.03 0.78 -3.54
N MET A 215 18.67 -0.21 -4.16
CA MET A 215 18.33 -1.61 -3.98
C MET A 215 18.94 -2.16 -2.69
N ALA A 216 18.34 -3.26 -2.22
CA ALA A 216 18.94 -3.99 -1.09
C ALA A 216 20.13 -4.82 -1.56
N ILE A 217 20.01 -5.46 -2.72
CA ILE A 217 21.11 -6.15 -3.39
C ILE A 217 21.34 -5.42 -4.69
N GLN A 218 22.54 -4.83 -4.85
CA GLN A 218 22.74 -3.76 -5.84
C GLN A 218 23.20 -4.35 -7.17
N GLN A 219 22.23 -4.82 -7.93
CA GLN A 219 22.44 -5.47 -9.21
CA GLN A 219 22.44 -5.47 -9.21
C GLN A 219 21.20 -5.26 -10.06
N TYR A 220 21.37 -4.74 -11.28
CA TYR A 220 20.22 -4.65 -12.19
C TYR A 220 19.59 -6.03 -12.41
N GLY A 221 18.28 -6.04 -12.53
CA GLY A 221 17.59 -7.28 -12.86
C GLY A 221 17.80 -7.68 -14.31
N LYS A 222 17.58 -8.98 -14.55
CA LYS A 222 17.59 -9.55 -15.88
C LYS A 222 16.18 -9.56 -16.47
N ALA A 223 16.09 -9.16 -17.74
CA ALA A 223 14.81 -9.25 -18.42
C ALA A 223 14.29 -10.69 -18.39
N ASP A 224 15.19 -11.66 -18.48
CA ASP A 224 14.74 -13.05 -18.48
C ASP A 224 14.08 -13.44 -17.17
N ASP A 225 14.51 -12.83 -16.05
CA ASP A 225 13.88 -13.12 -14.76
C ASP A 225 12.50 -12.48 -14.67
N VAL A 226 12.35 -11.25 -15.18
CA VAL A 226 11.02 -10.66 -15.24
C VAL A 226 10.10 -11.56 -16.05
N ALA A 227 10.62 -12.07 -17.17
CA ALA A 227 9.83 -12.95 -18.02
C ALA A 227 9.44 -14.23 -17.27
N ALA A 228 10.37 -14.80 -16.50
CA ALA A 228 10.08 -15.99 -15.72
C ALA A 228 8.92 -15.74 -14.76
N LEU A 229 8.88 -14.56 -14.13
CA LEU A 229 7.81 -14.27 -13.19
C LEU A 229 6.48 -14.09 -13.91
N VAL A 230 6.48 -13.38 -15.04
CA VAL A 230 5.27 -13.27 -15.85
C VAL A 230 4.78 -14.66 -16.25
N ALA A 231 5.70 -15.53 -16.67
CA ALA A 231 5.31 -16.86 -17.12
C ALA A 231 4.73 -17.67 -15.98
N PHE A 232 5.23 -17.48 -14.75
CA PHE A 232 4.62 -18.16 -13.61
C PHE A 232 3.19 -17.69 -13.39
N VAL A 233 2.99 -16.38 -13.40
CA VAL A 233 1.67 -15.80 -13.15
C VAL A 233 0.65 -16.31 -14.15
N VAL A 234 1.04 -16.43 -15.43
CA VAL A 234 0.08 -16.78 -16.47
C VAL A 234 -0.02 -18.29 -16.70
N GLY A 235 0.69 -19.07 -15.86
CA GLY A 235 0.84 -20.50 -16.04
C GLY A 235 -0.05 -21.32 -15.15
N PRO A 236 0.15 -22.64 -15.17
CA PRO A 236 -0.84 -23.56 -14.58
C PRO A 236 -0.90 -23.52 -13.07
N GLU A 237 0.05 -22.87 -12.38
CA GLU A 237 0.02 -22.74 -10.93
C GLU A 237 -0.25 -21.32 -10.49
N GLY A 238 -0.64 -20.45 -11.42
CA GLY A 238 -0.93 -19.05 -11.13
C GLY A 238 -2.39 -18.67 -11.02
N ARG A 239 -3.31 -19.64 -11.05
CA ARG A 239 -4.75 -19.32 -11.15
C ARG A 239 -5.26 -18.51 -9.98
N SER A 240 -4.67 -18.68 -8.79
CA SER A 240 -5.16 -17.94 -7.63
C SER A 240 -4.42 -16.62 -7.43
N ILE A 241 -3.47 -16.30 -8.29
CA ILE A 241 -2.85 -14.98 -8.27
C ILE A 241 -3.74 -14.08 -9.11
N ASN A 242 -4.34 -13.06 -8.47
CA ASN A 242 -5.33 -12.29 -9.19
C ASN A 242 -5.52 -10.90 -8.56
N GLY A 243 -5.61 -9.90 -9.43
CA GLY A 243 -5.85 -8.55 -8.97
C GLY A 243 -4.68 -7.96 -8.23
N THR A 244 -3.46 -8.45 -8.43
CA THR A 244 -2.40 -8.06 -7.52
C THR A 244 -1.18 -7.59 -8.29
N GLY A 245 -0.24 -7.00 -7.54
CA GLY A 245 1.01 -6.52 -8.10
C GLY A 245 2.17 -7.33 -7.52
N LEU A 246 3.06 -7.75 -8.41
CA LEU A 246 4.23 -8.53 -8.03
CA LEU A 246 4.23 -8.53 -8.03
C LEU A 246 5.46 -7.73 -8.43
N THR A 247 6.24 -7.33 -7.44
CA THR A 247 7.37 -6.44 -7.67
C THR A 247 8.67 -7.24 -7.72
N ILE A 248 9.50 -6.94 -8.71
CA ILE A 248 10.78 -7.62 -8.89
C ILE A 248 11.81 -6.51 -9.12
N ASP A 249 12.33 -5.97 -8.00
CA ASP A 249 13.03 -4.70 -8.02
C ASP A 249 14.28 -4.70 -7.15
N GLY A 250 14.78 -5.86 -6.74
CA GLY A 250 16.02 -5.91 -5.99
C GLY A 250 15.91 -5.34 -4.59
N GLY A 251 14.68 -5.06 -4.14
CA GLY A 251 14.49 -4.43 -2.85
C GLY A 251 14.43 -2.91 -2.87
N ALA A 252 14.36 -2.29 -4.04
CA ALA A 252 14.29 -0.81 -4.06
C ALA A 252 13.11 -0.29 -3.24
N ASN A 253 11.98 -0.99 -3.28
CA ASN A 253 10.76 -0.53 -2.61
C ASN A 253 10.62 -1.07 -1.19
N ALA A 254 11.62 -1.76 -0.66
CA ALA A 254 11.58 -2.11 0.76
C ALA A 254 11.49 -0.88 1.66
N ASN B 10 -7.76 34.51 10.96
CA ASN B 10 -7.90 33.69 9.76
C ASN B 10 -6.73 32.72 9.57
N ARG B 11 -7.05 31.43 9.62
CA ARG B 11 -6.02 30.42 9.41
C ARG B 11 -5.36 30.55 8.04
N LEU B 12 -6.11 30.99 7.02
CA LEU B 12 -5.59 31.16 5.68
C LEU B 12 -5.59 32.63 5.27
N GLN B 13 -5.30 33.49 6.23
CA GLN B 13 -5.18 34.93 6.04
C GLN B 13 -4.30 35.26 4.85
N GLY B 14 -4.88 35.94 3.87
CA GLY B 14 -4.10 36.43 2.75
C GLY B 14 -3.84 35.41 1.68
N LYS B 15 -4.25 34.16 1.88
CA LYS B 15 -3.96 33.12 0.89
C LYS B 15 -4.85 33.25 -0.34
N ARG B 16 -4.35 32.72 -1.45
CA ARG B 16 -4.98 32.87 -2.76
C ARG B 16 -5.09 31.47 -3.37
N ALA B 17 -6.32 31.02 -3.61
CA ALA B 17 -6.55 29.62 -3.92
C ALA B 17 -7.35 29.47 -5.21
N LEU B 18 -7.09 28.37 -5.91
CA LEU B 18 -7.90 27.92 -7.04
C LEU B 18 -8.40 26.51 -6.75
N VAL B 19 -9.72 26.30 -6.87
CA VAL B 19 -10.35 24.98 -6.75
C VAL B 19 -10.99 24.65 -8.08
N THR B 20 -10.48 23.65 -8.78
CA THR B 20 -11.15 23.25 -10.01
C THR B 20 -12.43 22.49 -9.68
N GLY B 21 -13.45 22.67 -10.50
CA GLY B 21 -14.72 22.03 -10.24
C GLY B 21 -15.31 22.47 -8.92
N GLY B 22 -15.43 23.79 -8.74
CA GLY B 22 -15.90 24.37 -7.50
C GLY B 22 -17.34 24.80 -7.48
N SER B 23 -18.11 24.46 -8.53
CA SER B 23 -19.49 24.91 -8.62
C SER B 23 -20.45 24.05 -7.79
N ARG B 24 -20.11 22.79 -7.56
CA ARG B 24 -21.00 21.84 -6.90
C ARG B 24 -20.17 20.88 -6.06
N GLY B 25 -20.87 20.19 -5.15
CA GLY B 25 -20.30 18.99 -4.53
C GLY B 25 -19.11 19.29 -3.66
N ILE B 26 -18.14 18.36 -3.70
CA ILE B 26 -16.96 18.45 -2.86
C ILE B 26 -16.19 19.74 -3.18
N GLY B 27 -16.08 20.07 -4.46
CA GLY B 27 -15.35 21.28 -4.86
C GLY B 27 -15.96 22.55 -4.29
N ALA B 28 -17.30 22.68 -4.36
CA ALA B 28 -17.97 23.83 -3.75
C ALA B 28 -17.70 23.88 -2.25
N ALA B 29 -17.75 22.74 -1.58
CA ALA B 29 -17.51 22.72 -0.14
C ALA B 29 -16.07 23.14 0.16
N ILE B 30 -15.12 22.70 -0.65
CA ILE B 30 -13.72 23.11 -0.46
C ILE B 30 -13.59 24.62 -0.66
N ALA B 31 -14.15 25.14 -1.76
CA ALA B 31 -14.05 26.57 -2.01
C ALA B 31 -14.63 27.37 -0.86
N LYS B 32 -15.79 26.94 -0.36
CA LYS B 32 -16.42 27.66 0.73
C LYS B 32 -15.61 27.58 2.01
N ARG B 33 -15.00 26.41 2.28
CA ARG B 33 -14.23 26.27 3.51
C ARG B 33 -12.94 27.08 3.44
N LEU B 34 -12.27 27.08 2.29
CA LEU B 34 -11.05 27.88 2.20
C LEU B 34 -11.37 29.36 2.37
N ALA B 35 -12.50 29.81 1.83
CA ALA B 35 -12.92 31.20 2.00
C ALA B 35 -13.29 31.48 3.46
N ALA B 36 -14.01 30.56 4.09
CA ALA B 36 -14.35 30.77 5.49
C ALA B 36 -13.10 30.87 6.36
N ASP B 37 -12.02 30.18 5.97
CA ASP B 37 -10.76 30.21 6.68
C ASP B 37 -9.87 31.39 6.29
N GLY B 38 -10.31 32.23 5.36
CA GLY B 38 -9.66 33.52 5.11
C GLY B 38 -9.12 33.70 3.71
N ALA B 39 -9.21 32.70 2.85
CA ALA B 39 -8.58 32.77 1.54
C ALA B 39 -9.46 33.48 0.52
N ASP B 40 -8.82 34.15 -0.42
CA ASP B 40 -9.47 34.50 -1.69
C ASP B 40 -9.52 33.26 -2.55
N VAL B 41 -10.67 33.02 -3.21
CA VAL B 41 -10.89 31.72 -3.85
C VAL B 41 -11.43 31.91 -5.25
N ALA B 42 -10.77 31.28 -6.23
CA ALA B 42 -11.29 31.12 -7.59
C ALA B 42 -11.75 29.68 -7.77
N ILE B 43 -12.80 29.50 -8.57
CA ILE B 43 -13.27 28.17 -8.94
C ILE B 43 -13.33 28.05 -10.45
N THR B 44 -13.19 26.83 -10.95
CA THR B 44 -13.55 26.53 -12.34
C THR B 44 -14.81 25.69 -12.38
N TYR B 45 -15.46 25.70 -13.55
CA TYR B 45 -16.63 24.89 -13.77
C TYR B 45 -16.72 24.61 -15.26
N GLU B 46 -17.60 23.67 -15.64
CA GLU B 46 -17.77 23.31 -17.03
C GLU B 46 -19.03 23.93 -17.61
N LYS B 47 -20.15 23.76 -16.92
CA LYS B 47 -21.46 24.15 -17.45
C LYS B 47 -22.37 24.78 -16.42
N SER B 48 -22.13 24.61 -15.11
CA SER B 48 -23.07 25.10 -14.09
C SER B 48 -22.75 26.56 -13.72
N ALA B 49 -23.03 27.46 -14.67
CA ALA B 49 -22.70 28.87 -14.46
C ALA B 49 -23.48 29.47 -13.30
N GLU B 50 -24.79 29.18 -13.23
CA GLU B 50 -25.57 29.71 -12.11
C GLU B 50 -25.02 29.23 -10.77
N ARG B 51 -24.73 27.93 -10.67
CA ARG B 51 -24.21 27.42 -9.40
C ARG B 51 -22.89 28.08 -9.07
N ALA B 52 -22.03 28.24 -10.07
CA ALA B 52 -20.72 28.85 -9.84
C ALA B 52 -20.86 30.28 -9.35
N GLN B 53 -21.76 31.05 -9.96
CA GLN B 53 -21.91 32.43 -9.54
C GLN B 53 -22.46 32.50 -8.13
N ALA B 54 -23.30 31.53 -7.73
CA ALA B 54 -23.81 31.52 -6.37
C ALA B 54 -22.70 31.22 -5.37
N VAL B 55 -21.75 30.34 -5.74
CA VAL B 55 -20.61 30.10 -4.85
C VAL B 55 -19.78 31.37 -4.71
N VAL B 56 -19.51 32.03 -5.85
CA VAL B 56 -18.74 33.28 -5.83
C VAL B 56 -19.44 34.32 -4.97
N ALA B 57 -20.75 34.48 -5.15
CA ALA B 57 -21.47 35.50 -4.40
C ALA B 57 -21.40 35.23 -2.90
N GLY B 58 -21.48 33.96 -2.50
CA GLY B 58 -21.38 33.66 -1.08
C GLY B 58 -20.02 34.01 -0.53
N ILE B 59 -18.96 33.73 -1.28
CA ILE B 59 -17.61 34.04 -0.81
C ILE B 59 -17.42 35.55 -0.73
N GLU B 60 -17.93 36.28 -1.73
CA GLU B 60 -17.81 37.73 -1.69
C GLU B 60 -18.56 38.32 -0.49
N ALA B 61 -19.67 37.69 -0.08
CA ALA B 61 -20.41 38.18 1.07
C ALA B 61 -19.65 38.02 2.38
N LEU B 62 -18.59 37.20 2.40
CA LEU B 62 -17.71 37.09 3.56
C LEU B 62 -16.62 38.14 3.57
N GLY B 63 -16.51 38.94 2.52
CA GLY B 63 -15.47 39.92 2.42
C GLY B 63 -14.24 39.44 1.66
N ARG B 64 -14.30 38.26 1.07
CA ARG B 64 -13.18 37.72 0.32
CA ARG B 64 -13.19 37.72 0.32
C ARG B 64 -13.34 38.06 -1.16
N ARG B 65 -12.23 37.96 -1.90
CA ARG B 65 -12.29 38.03 -3.35
C ARG B 65 -12.61 36.65 -3.90
N ALA B 66 -13.43 36.60 -4.94
CA ALA B 66 -13.75 35.32 -5.57
C ALA B 66 -14.03 35.53 -7.04
N ILE B 67 -13.67 34.54 -7.85
CA ILE B 67 -14.00 34.56 -9.27
C ILE B 67 -14.37 33.16 -9.71
N ALA B 68 -15.23 33.08 -10.72
CA ALA B 68 -15.60 31.80 -11.33
C ALA B 68 -15.17 31.84 -12.80
N ILE B 69 -14.56 30.75 -13.24
CA ILE B 69 -14.01 30.64 -14.59
C ILE B 69 -14.57 29.40 -15.24
N GLN B 70 -15.27 29.55 -16.37
CA GLN B 70 -15.62 28.38 -17.17
CA GLN B 70 -15.62 28.39 -17.19
C GLN B 70 -14.35 27.87 -17.85
N ALA B 71 -13.94 26.67 -17.50
CA ALA B 71 -12.68 26.12 -18.01
C ALA B 71 -12.86 24.62 -18.07
N ASP B 72 -13.03 24.09 -19.27
CA ASP B 72 -13.18 22.65 -19.47
C ASP B 72 -11.87 21.96 -19.14
N SER B 73 -11.90 21.10 -18.10
CA SER B 73 -10.70 20.37 -17.72
C SER B 73 -10.13 19.54 -18.87
N ALA B 74 -10.98 19.09 -19.82
CA ALA B 74 -10.48 18.30 -20.93
C ALA B 74 -9.64 19.11 -21.92
N ASP B 75 -9.65 20.42 -21.82
CA ASP B 75 -8.89 21.30 -22.70
C ASP B 75 -7.65 21.79 -21.95
N PRO B 76 -6.46 21.27 -22.25
CA PRO B 76 -5.28 21.67 -21.45
C PRO B 76 -4.94 23.14 -21.58
N VAL B 77 -5.24 23.78 -22.71
CA VAL B 77 -5.00 25.20 -22.84
C VAL B 77 -5.91 25.98 -21.91
N ALA B 78 -7.19 25.60 -21.85
CA ALA B 78 -8.11 26.25 -20.92
C ALA B 78 -7.66 26.10 -19.47
N VAL B 79 -7.15 24.93 -19.11
CA VAL B 79 -6.72 24.71 -17.75
C VAL B 79 -5.55 25.62 -17.41
N ARG B 80 -4.53 25.62 -18.28
CA ARG B 80 -3.37 26.48 -18.05
CA ARG B 80 -3.37 26.47 -18.09
C ARG B 80 -3.78 27.93 -17.99
N ASN B 81 -4.66 28.37 -18.89
CA ASN B 81 -5.13 29.76 -18.89
C ASN B 81 -5.90 30.09 -17.61
N ALA B 82 -6.66 29.13 -17.09
CA ALA B 82 -7.39 29.40 -15.85
C ALA B 82 -6.44 29.65 -14.70
N VAL B 83 -5.40 28.83 -14.58
CA VAL B 83 -4.41 29.03 -13.51
C VAL B 83 -3.76 30.40 -13.65
N ASP B 84 -3.32 30.73 -14.87
CA ASP B 84 -2.67 32.02 -15.05
C ASP B 84 -3.64 33.18 -14.76
N ARG B 85 -4.91 33.02 -15.13
CA ARG B 85 -5.90 34.08 -14.90
C ARG B 85 -6.08 34.35 -13.41
N VAL B 86 -6.13 33.29 -12.61
CA VAL B 86 -6.30 33.47 -11.17
C VAL B 86 -5.08 34.15 -10.59
N ALA B 87 -3.88 33.71 -10.98
CA ALA B 87 -2.68 34.31 -10.44
C ALA B 87 -2.60 35.79 -10.81
N GLU B 88 -3.03 36.14 -12.02
CA GLU B 88 -3.04 37.54 -12.42
C GLU B 88 -4.06 38.33 -11.62
N ALA B 89 -5.26 37.79 -11.46
CA ALA B 89 -6.34 38.51 -10.76
C ALA B 89 -6.03 38.70 -9.28
N PHE B 90 -5.51 37.67 -8.61
CA PHE B 90 -5.25 37.72 -7.18
C PHE B 90 -3.86 38.27 -6.85
N GLY B 91 -3.00 38.41 -7.85
CA GLY B 91 -1.65 38.86 -7.61
C GLY B 91 -0.68 37.78 -7.22
N GLY B 92 -1.07 36.53 -7.34
CA GLY B 92 -0.25 35.40 -6.94
C GLY B 92 -1.14 34.22 -6.71
N LEU B 93 -0.52 33.15 -6.23
CA LEU B 93 -1.26 31.91 -6.00
C LEU B 93 -0.55 31.14 -4.91
N ASP B 94 -1.32 30.63 -3.94
CA ASP B 94 -0.78 29.88 -2.82
C ASP B 94 -1.28 28.46 -2.73
N ILE B 95 -2.49 28.20 -3.23
CA ILE B 95 -3.14 26.90 -3.04
C ILE B 95 -3.80 26.49 -4.35
N LEU B 96 -3.54 25.26 -4.80
CA LEU B 96 -4.23 24.67 -5.95
C LEU B 96 -4.91 23.40 -5.47
N VAL B 97 -6.21 23.29 -5.69
CA VAL B 97 -6.95 22.06 -5.40
C VAL B 97 -7.48 21.52 -6.72
N ASN B 98 -6.95 20.36 -7.16
CA ASN B 98 -7.39 19.71 -8.39
C ASN B 98 -8.55 18.79 -8.03
N ASN B 99 -9.77 19.27 -8.20
CA ASN B 99 -10.95 18.53 -7.75
C ASN B 99 -11.91 18.11 -8.86
N ALA B 100 -11.99 18.86 -9.97
CA ALA B 100 -12.95 18.52 -11.01
C ALA B 100 -12.71 17.10 -11.50
N GLY B 101 -13.78 16.33 -11.60
CA GLY B 101 -13.64 14.94 -12.00
C GLY B 101 -14.95 14.40 -12.52
N ILE B 102 -14.87 13.30 -13.27
CA ILE B 102 -16.04 12.62 -13.79
C ILE B 102 -15.95 11.13 -13.49
N PHE B 103 -17.13 10.51 -13.43
CA PHE B 103 -17.26 9.06 -13.26
C PHE B 103 -18.22 8.60 -14.35
N ARG B 104 -17.66 8.02 -15.42
CA ARG B 104 -18.47 7.52 -16.53
C ARG B 104 -18.94 6.12 -16.18
N ALA B 105 -20.24 5.95 -15.92
CA ALA B 105 -20.75 4.64 -15.54
C ALA B 105 -20.80 3.73 -16.76
N GLY B 106 -20.49 2.45 -16.55
CA GLY B 106 -20.69 1.47 -17.60
C GLY B 106 -19.84 0.23 -17.43
N SER B 107 -20.24 -0.82 -18.13
CA SER B 107 -19.55 -2.10 -18.08
C SER B 107 -18.31 -2.07 -18.98
N LEU B 108 -17.46 -3.08 -18.78
CA LEU B 108 -16.29 -3.23 -19.65
C LEU B 108 -16.71 -3.44 -21.09
N ASP B 109 -17.72 -4.28 -21.31
CA ASP B 109 -18.17 -4.58 -22.67
C ASP B 109 -18.56 -3.29 -23.41
N ASP B 110 -19.15 -2.32 -22.68
CA ASP B 110 -19.75 -1.14 -23.27
C ASP B 110 -18.84 0.07 -23.29
N LEU B 111 -17.65 -0.04 -22.71
CA LEU B 111 -16.74 1.08 -22.56
C LEU B 111 -16.38 1.68 -23.92
N THR B 112 -16.54 2.99 -24.06
CA THR B 112 -16.25 3.62 -25.33
C THR B 112 -14.90 4.34 -25.26
N LEU B 113 -14.33 4.59 -26.44
CA LEU B 113 -13.12 5.40 -26.49
C LEU B 113 -13.41 6.82 -26.00
N ASP B 114 -14.60 7.36 -26.30
CA ASP B 114 -14.96 8.67 -25.76
C ASP B 114 -14.91 8.67 -24.24
N ASP B 115 -15.45 7.62 -23.60
CA ASP B 115 -15.36 7.52 -22.14
C ASP B 115 -13.90 7.50 -21.66
N ILE B 116 -13.07 6.68 -22.33
CA ILE B 116 -11.68 6.52 -21.91
C ILE B 116 -10.94 7.85 -22.04
N ASP B 117 -11.07 8.50 -23.20
CA ASP B 117 -10.41 9.78 -23.43
C ASP B 117 -10.93 10.86 -22.48
N ALA B 118 -12.24 10.95 -22.29
CA ALA B 118 -12.78 11.98 -21.40
C ALA B 118 -12.25 11.79 -19.97
N THR B 119 -12.24 10.54 -19.51
CA THR B 119 -11.82 10.29 -18.14
C THR B 119 -10.33 10.58 -17.95
N LEU B 120 -9.50 10.12 -18.89
CA LEU B 120 -8.07 10.41 -18.77
C LEU B 120 -7.81 11.90 -18.93
N ASN B 121 -8.53 12.57 -19.84
CA ASN B 121 -8.28 14.00 -20.06
C ASN B 121 -8.70 14.82 -18.85
N VAL B 122 -9.88 14.51 -18.29
CA VAL B 122 -10.40 15.30 -17.17
C VAL B 122 -9.74 14.91 -15.86
N ASN B 123 -9.70 13.60 -15.59
CA ASN B 123 -9.29 13.17 -14.27
C ASN B 123 -7.77 13.10 -14.11
N VAL B 124 -7.00 13.02 -15.21
CA VAL B 124 -5.56 12.85 -15.09
C VAL B 124 -4.84 14.02 -15.75
N ARG B 125 -5.03 14.20 -17.07
CA ARG B 125 -4.24 15.19 -17.77
C ARG B 125 -4.47 16.59 -17.21
N ALA B 126 -5.72 16.91 -16.84
CA ALA B 126 -6.01 18.25 -16.31
C ALA B 126 -5.26 18.48 -15.00
N VAL B 127 -5.08 17.43 -14.19
CA VAL B 127 -4.36 17.58 -12.93
C VAL B 127 -2.89 17.86 -13.19
N ILE B 128 -2.32 17.15 -14.16
CA ILE B 128 -0.92 17.33 -14.53
C ILE B 128 -0.70 18.75 -15.05
N VAL B 129 -1.56 19.18 -15.98
CA VAL B 129 -1.42 20.49 -16.61
C VAL B 129 -1.58 21.59 -15.58
N ALA B 130 -2.62 21.52 -14.73
CA ALA B 130 -2.82 22.58 -13.74
C ALA B 130 -1.69 22.63 -12.73
N SER B 131 -1.18 21.47 -12.32
CA SER B 131 -0.08 21.41 -11.38
C SER B 131 1.16 22.09 -11.95
N GLN B 132 1.51 21.77 -13.19
CA GLN B 132 2.66 22.40 -13.84
C GLN B 132 2.44 23.91 -13.97
N ALA B 133 1.25 24.33 -14.39
CA ALA B 133 1.01 25.77 -14.51
C ALA B 133 1.08 26.46 -13.16
N ALA B 134 0.51 25.84 -12.11
CA ALA B 134 0.52 26.47 -10.79
C ALA B 134 1.93 26.56 -10.25
N ALA B 135 2.79 25.60 -10.56
CA ALA B 135 4.18 25.64 -10.10
C ALA B 135 4.95 26.84 -10.66
N ARG B 136 4.46 27.50 -11.70
CA ARG B 136 5.11 28.73 -12.15
CA ARG B 136 5.10 28.74 -12.16
C ARG B 136 4.76 29.93 -11.28
N HIS B 137 3.75 29.81 -10.41
CA HIS B 137 3.29 30.89 -9.55
C HIS B 137 3.47 30.60 -8.08
N LEU B 138 3.35 29.34 -7.67
CA LEU B 138 3.50 29.00 -6.27
C LEU B 138 4.91 29.27 -5.80
N GLY B 139 5.03 29.65 -4.55
CA GLY B 139 6.34 29.83 -3.94
C GLY B 139 6.44 29.02 -2.68
N GLU B 140 7.46 29.32 -1.88
CA GLU B 140 7.69 28.54 -0.66
C GLU B 140 6.46 28.62 0.23
N GLY B 141 6.03 27.48 0.73
CA GLY B 141 4.80 27.39 1.49
C GLY B 141 3.57 27.13 0.66
N GLY B 142 3.70 27.07 -0.66
CA GLY B 142 2.57 26.74 -1.50
C GLY B 142 2.09 25.32 -1.26
N ARG B 143 0.84 25.06 -1.67
CA ARG B 143 0.20 23.77 -1.42
CA ARG B 143 0.18 23.79 -1.40
C ARG B 143 -0.60 23.34 -2.63
N ILE B 144 -0.41 22.09 -3.04
CA ILE B 144 -1.22 21.44 -4.07
C ILE B 144 -1.89 20.22 -3.43
N VAL B 145 -3.19 20.09 -3.65
CA VAL B 145 -3.96 18.93 -3.20
C VAL B 145 -4.83 18.50 -4.37
N SER B 146 -4.97 17.19 -4.58
CA SER B 146 -5.89 16.67 -5.59
C SER B 146 -6.92 15.79 -4.91
N THR B 147 -8.11 15.70 -5.50
CA THR B 147 -9.15 14.81 -5.00
C THR B 147 -9.00 13.45 -5.68
N GLY B 148 -8.67 12.43 -4.89
CA GLY B 148 -8.53 11.07 -5.39
C GLY B 148 -9.83 10.28 -5.20
N SER B 149 -9.72 9.09 -4.60
CA SER B 149 -10.86 8.22 -4.32
C SER B 149 -10.36 7.02 -3.56
N CYS B 150 -11.18 6.51 -2.64
CA CYS B 150 -10.84 5.23 -2.03
C CYS B 150 -10.72 4.12 -3.07
N LEU B 151 -11.39 4.27 -4.22
CA LEU B 151 -11.31 3.30 -5.31
C LEU B 151 -9.94 3.27 -5.99
N ALA B 152 -9.09 4.25 -5.74
CA ALA B 152 -7.77 4.25 -6.36
C ALA B 152 -6.95 3.07 -5.89
N THR B 153 -7.22 2.55 -4.70
CA THR B 153 -6.40 1.50 -4.13
C THR B 153 -7.15 0.22 -3.79
N ARG B 154 -8.48 0.26 -3.84
CA ARG B 154 -9.31 -0.91 -3.51
CA ARG B 154 -9.32 -0.88 -3.47
C ARG B 154 -10.57 -0.80 -4.34
N VAL B 155 -10.80 -1.80 -5.19
CA VAL B 155 -11.93 -1.77 -6.11
C VAL B 155 -12.83 -2.95 -5.82
N PRO B 156 -14.05 -2.73 -5.26
CA PRO B 156 -14.83 -3.85 -4.73
C PRO B 156 -15.72 -4.54 -5.75
N ASP B 157 -16.01 -3.89 -6.88
CA ASP B 157 -16.98 -4.42 -7.81
C ASP B 157 -16.57 -4.12 -9.24
N ALA B 158 -17.29 -4.75 -10.16
CA ALA B 158 -17.17 -4.46 -11.58
C ALA B 158 -17.70 -3.07 -11.90
N GLY B 159 -17.27 -2.56 -13.05
CA GLY B 159 -17.80 -1.29 -13.58
C GLY B 159 -17.05 -0.06 -13.15
N MET B 160 -15.97 -0.20 -12.40
CA MET B 160 -15.25 0.92 -11.81
C MET B 160 -13.83 1.07 -12.37
N SER B 161 -13.46 0.29 -13.39
CA SER B 161 -12.02 0.08 -13.62
C SER B 161 -11.36 1.28 -14.27
N LEU B 162 -12.02 1.88 -15.27
CA LEU B 162 -11.49 3.11 -15.87
C LEU B 162 -11.36 4.21 -14.81
N TYR B 163 -12.41 4.39 -14.01
CA TYR B 163 -12.36 5.43 -12.99
C TYR B 163 -11.27 5.15 -11.97
N ALA B 164 -11.17 3.91 -11.50
CA ALA B 164 -10.15 3.56 -10.53
C ALA B 164 -8.76 3.80 -11.10
N ALA B 165 -8.55 3.47 -12.39
CA ALA B 165 -7.26 3.76 -13.02
C ALA B 165 -6.95 5.24 -12.99
N SER B 166 -7.96 6.07 -13.31
CA SER B 166 -7.71 7.51 -13.38
C SER B 166 -7.36 8.09 -12.02
N LYS B 167 -7.91 7.52 -10.93
CA LYS B 167 -7.56 8.05 -9.62
C LYS B 167 -6.25 7.47 -9.11
N ALA B 168 -5.97 6.20 -9.43
CA ALA B 168 -4.68 5.62 -9.06
C ALA B 168 -3.54 6.39 -9.72
N ALA B 169 -3.75 6.87 -10.95
CA ALA B 169 -2.74 7.66 -11.64
C ALA B 169 -2.29 8.85 -10.80
N LEU B 170 -3.23 9.46 -10.09
CA LEU B 170 -2.93 10.66 -9.31
C LEU B 170 -2.07 10.35 -8.11
N ILE B 171 -2.05 9.10 -7.64
CA ILE B 171 -1.15 8.75 -6.53
C ILE B 171 0.29 8.84 -6.98
N GLY B 172 0.61 8.27 -8.14
CA GLY B 172 1.97 8.38 -8.64
C GLY B 172 2.34 9.80 -9.00
N TRP B 173 1.40 10.55 -9.60
CA TRP B 173 1.65 11.96 -9.86
C TRP B 173 1.97 12.72 -8.57
N THR B 174 1.15 12.51 -7.52
CA THR B 174 1.30 13.25 -6.27
C THR B 174 2.65 12.97 -5.62
N GLN B 175 3.04 11.69 -5.57
CA GLN B 175 4.32 11.36 -4.94
C GLN B 175 5.48 11.92 -5.73
N GLY B 176 5.46 11.77 -7.05
CA GLY B 176 6.52 12.30 -7.87
C GLY B 176 6.58 13.82 -7.82
N LEU B 177 5.42 14.49 -7.83
CA LEU B 177 5.45 15.95 -7.83
C LEU B 177 5.95 16.49 -6.50
N ALA B 178 5.69 15.78 -5.40
CA ALA B 178 6.27 16.18 -4.12
C ALA B 178 7.79 16.20 -4.21
N ARG B 179 8.38 15.20 -4.88
CA ARG B 179 9.82 15.21 -5.13
C ARG B 179 10.22 16.41 -6.00
N ASP B 180 9.47 16.63 -7.10
CA ASP B 180 9.76 17.73 -8.02
C ASP B 180 9.81 19.08 -7.29
N LEU B 181 8.85 19.31 -6.40
CA LEU B 181 8.63 20.64 -5.82
C LEU B 181 9.20 20.76 -4.43
N GLY B 182 9.89 19.72 -3.95
CA GLY B 182 10.50 19.75 -2.64
C GLY B 182 11.47 20.90 -2.45
N PRO B 183 12.44 21.05 -3.36
CA PRO B 183 13.39 22.16 -3.22
C PRO B 183 12.74 23.52 -3.21
N ARG B 184 11.53 23.65 -3.73
CA ARG B 184 10.84 24.93 -3.73
C ARG B 184 9.90 25.10 -2.57
N GLY B 185 9.75 24.10 -1.71
CA GLY B 185 8.95 24.29 -0.52
C GLY B 185 7.46 24.19 -0.73
N ILE B 186 7.01 23.47 -1.75
CA ILE B 186 5.59 23.31 -2.05
C ILE B 186 5.21 21.88 -1.74
N THR B 187 4.20 21.67 -0.89
CA THR B 187 3.77 20.30 -0.62
C THR B 187 2.73 19.85 -1.65
N VAL B 188 2.66 18.55 -1.88
CA VAL B 188 1.73 17.97 -2.82
C VAL B 188 1.10 16.75 -2.16
N ASN B 189 -0.23 16.73 -2.06
CA ASN B 189 -0.93 15.66 -1.36
C ASN B 189 -2.20 15.27 -2.12
N ILE B 190 -2.79 14.14 -1.74
CA ILE B 190 -4.04 13.71 -2.34
C ILE B 190 -4.99 13.30 -1.21
N VAL B 191 -6.23 13.77 -1.29
CA VAL B 191 -7.29 13.39 -0.34
C VAL B 191 -8.20 12.45 -1.08
N HIS B 192 -8.39 11.24 -0.52
CA HIS B 192 -9.18 10.20 -1.15
C HIS B 192 -10.51 10.10 -0.43
N PRO B 193 -11.58 10.69 -0.93
CA PRO B 193 -12.89 10.46 -0.30
C PRO B 193 -13.39 9.06 -0.63
N GLY B 194 -14.13 8.50 0.31
CA GLY B 194 -15.06 7.43 0.01
C GLY B 194 -16.41 8.00 -0.36
N SER B 195 -17.46 7.22 -0.15
CA SER B 195 -18.81 7.61 -0.55
C SER B 195 -19.18 8.90 0.14
N THR B 196 -19.42 9.93 -0.66
CA THR B 196 -19.66 11.29 -0.18
C THR B 196 -20.89 11.81 -0.89
N ASP B 197 -21.84 12.38 -0.15
CA ASP B 197 -23.17 12.70 -0.67
C ASP B 197 -23.09 13.91 -1.60
N THR B 198 -23.13 13.66 -2.92
CA THR B 198 -23.06 14.70 -3.94
C THR B 198 -23.94 14.31 -5.13
N ASP B 199 -23.99 15.16 -6.16
CA ASP B 199 -24.68 14.79 -7.39
C ASP B 199 -24.03 13.57 -8.05
N MET B 200 -22.70 13.46 -7.97
CA MET B 200 -22.04 12.30 -8.55
C MET B 200 -22.41 11.02 -7.80
N ASN B 201 -22.62 11.12 -6.49
CA ASN B 201 -22.83 9.94 -5.63
C ASN B 201 -23.87 10.26 -4.58
N PRO B 202 -25.14 10.25 -4.94
CA PRO B 202 -26.17 10.64 -3.97
C PRO B 202 -26.39 9.57 -2.91
N ALA B 203 -26.56 10.02 -1.67
CA ALA B 203 -26.75 9.08 -0.56
C ALA B 203 -28.06 8.32 -0.65
N ASP B 204 -29.00 8.73 -1.51
CA ASP B 204 -30.23 7.98 -1.76
C ASP B 204 -30.25 7.33 -3.14
N GLY B 205 -29.10 7.23 -3.79
CA GLY B 205 -29.01 6.57 -5.08
C GLY B 205 -29.13 5.07 -4.98
N ALA B 206 -29.22 4.42 -6.16
CA ALA B 206 -29.51 2.98 -6.20
C ALA B 206 -28.39 2.16 -5.58
N HIS B 207 -27.14 2.58 -5.76
CA HIS B 207 -26.00 1.83 -5.25
C HIS B 207 -25.57 2.28 -3.86
N ALA B 208 -26.34 3.15 -3.20
CA ALA B 208 -25.87 3.74 -1.95
C ALA B 208 -25.92 2.74 -0.80
N ASP B 209 -26.92 1.86 -0.77
CA ASP B 209 -26.93 0.80 0.24
C ASP B 209 -25.69 -0.09 0.13
N ALA B 210 -25.32 -0.50 -1.09
CA ALA B 210 -24.13 -1.32 -1.26
C ALA B 210 -22.89 -0.58 -0.81
N GLN B 211 -22.82 0.72 -1.14
CA GLN B 211 -21.66 1.50 -0.71
C GLN B 211 -21.61 1.60 0.81
N ARG B 212 -22.75 1.84 1.46
CA ARG B 212 -22.74 1.91 2.93
C ARG B 212 -22.31 0.61 3.55
N SER B 213 -22.69 -0.53 2.93
CA SER B 213 -22.38 -1.84 3.49
CA SER B 213 -22.38 -1.81 3.54
C SER B 213 -20.89 -2.13 3.53
N ARG B 214 -20.09 -1.42 2.72
CA ARG B 214 -18.65 -1.63 2.71
C ARG B 214 -17.94 -0.89 3.83
N MET B 215 -18.59 0.10 4.41
CA MET B 215 -18.00 0.96 5.42
C MET B 215 -18.01 0.27 6.79
N ALA B 216 -17.10 0.73 7.65
CA ALA B 216 -17.15 0.31 9.05
C ALA B 216 -18.29 1.00 9.78
N ILE B 217 -18.46 2.31 9.54
CA ILE B 217 -19.60 3.06 10.08
C ILE B 217 -20.41 3.50 8.87
N GLN B 218 -21.64 3.00 8.76
CA GLN B 218 -22.33 2.94 7.46
C GLN B 218 -23.18 4.18 7.25
N GLN B 219 -22.50 5.27 6.90
CA GLN B 219 -23.13 6.55 6.63
C GLN B 219 -22.28 7.29 5.60
N TYR B 220 -22.93 7.83 4.56
CA TYR B 220 -22.20 8.63 3.58
C TYR B 220 -21.48 9.80 4.24
N GLY B 221 -20.32 10.12 3.68
CA GLY B 221 -19.60 11.27 4.16
C GLY B 221 -20.25 12.57 3.73
N LYS B 222 -19.95 13.64 4.48
CA LYS B 222 -20.34 15.00 4.15
C LYS B 222 -19.26 15.68 3.33
N ALA B 223 -19.67 16.36 2.25
CA ALA B 223 -18.72 17.15 1.50
C ALA B 223 -18.00 18.16 2.38
N ASP B 224 -18.71 18.77 3.34
CA ASP B 224 -18.05 19.73 4.23
C ASP B 224 -16.92 19.10 5.05
N ASP B 225 -17.02 17.80 5.38
CA ASP B 225 -15.94 17.16 6.11
C ASP B 225 -14.74 16.90 5.22
N VAL B 226 -14.97 16.53 3.96
CA VAL B 226 -13.85 16.41 3.03
C VAL B 226 -13.16 17.76 2.90
N ALA B 227 -13.95 18.82 2.81
CA ALA B 227 -13.39 20.17 2.71
C ALA B 227 -12.58 20.52 3.95
N ALA B 228 -13.05 20.11 5.14
CA ALA B 228 -12.32 20.40 6.36
C ALA B 228 -10.95 19.74 6.36
N LEU B 229 -10.89 18.51 5.85
CA LEU B 229 -9.60 17.82 5.80
C LEU B 229 -8.68 18.48 4.77
N VAL B 230 -9.20 18.85 3.60
CA VAL B 230 -8.38 19.60 2.63
C VAL B 230 -7.85 20.87 3.27
N ALA B 231 -8.73 21.58 3.97
CA ALA B 231 -8.33 22.85 4.59
C ALA B 231 -7.25 22.64 5.64
N PHE B 232 -7.30 21.52 6.37
CA PHE B 232 -6.24 21.23 7.32
C PHE B 232 -4.91 21.03 6.59
N VAL B 233 -4.93 20.22 5.53
CA VAL B 233 -3.70 19.89 4.81
C VAL B 233 -3.03 21.13 4.25
N VAL B 234 -3.81 22.09 3.74
CA VAL B 234 -3.20 23.28 3.14
C VAL B 234 -2.98 24.43 4.13
N GLY B 235 -3.28 24.21 5.41
CA GLY B 235 -3.21 25.26 6.41
C GLY B 235 -1.93 25.24 7.23
N PRO B 236 -1.92 26.04 8.29
CA PRO B 236 -0.65 26.35 8.98
C PRO B 236 -0.07 25.21 9.80
N GLU B 237 -0.78 24.10 9.95
CA GLU B 237 -0.26 22.95 10.68
C GLU B 237 -0.04 21.75 9.77
N GLY B 238 -0.17 21.93 8.45
CA GLY B 238 -0.01 20.87 7.48
C GLY B 238 1.33 20.82 6.77
N ARG B 239 2.32 21.62 7.18
CA ARG B 239 3.58 21.74 6.42
C ARG B 239 4.32 20.42 6.25
N SER B 240 4.22 19.51 7.21
CA SER B 240 4.95 18.26 7.14
C SER B 240 4.12 17.14 6.53
N ILE B 241 2.89 17.41 6.12
CA ILE B 241 2.09 16.44 5.38
C ILE B 241 2.48 16.62 3.92
N ASN B 242 3.10 15.61 3.32
CA ASN B 242 3.63 15.83 1.98
C ASN B 242 3.79 14.50 1.24
N GLY B 243 3.40 14.49 -0.02
CA GLY B 243 3.53 13.30 -0.86
C GLY B 243 2.62 12.16 -0.48
N THR B 244 1.56 12.41 0.26
CA THR B 244 0.80 11.34 0.86
C THR B 244 -0.68 11.41 0.50
N GLY B 245 -1.36 10.30 0.78
CA GLY B 245 -2.79 10.18 0.59
C GLY B 245 -3.51 10.09 1.93
N LEU B 246 -4.54 10.90 2.07
CA LEU B 246 -5.36 10.93 3.28
CA LEU B 246 -5.36 10.92 3.28
C LEU B 246 -6.75 10.48 2.88
N THR B 247 -7.17 9.31 3.39
CA THR B 247 -8.45 8.71 3.01
C THR B 247 -9.53 9.05 4.02
N ILE B 248 -10.68 9.48 3.52
CA ILE B 248 -11.83 9.82 4.36
C ILE B 248 -13.03 9.07 3.78
N ASP B 249 -13.19 7.80 4.18
CA ASP B 249 -14.07 6.85 3.50
C ASP B 249 -14.93 6.02 4.44
N GLY B 250 -15.03 6.40 5.71
CA GLY B 250 -15.87 5.67 6.65
C GLY B 250 -15.39 4.27 6.94
N GLY B 251 -14.15 3.95 6.58
CA GLY B 251 -13.61 2.62 6.80
C GLY B 251 -13.80 1.66 5.65
N ALA B 252 -14.26 2.14 4.49
CA ALA B 252 -14.43 1.23 3.35
C ALA B 252 -13.15 0.47 3.05
N ASN B 253 -11.99 1.15 3.15
CA ASN B 253 -10.72 0.54 2.77
C ASN B 253 -10.01 -0.18 3.91
N ALA B 254 -10.64 -0.30 5.07
CA ALA B 254 -10.05 -1.12 6.12
C ALA B 254 -9.89 -2.57 5.71
N ASN C 10 18.19 -30.30 -11.28
CA ASN C 10 17.16 -29.88 -10.34
C ASN C 10 17.27 -28.39 -10.03
N ARG C 11 16.11 -27.72 -10.02
CA ARG C 11 16.08 -26.27 -9.83
C ARG C 11 16.74 -25.86 -8.52
N LEU C 12 16.58 -26.67 -7.48
CA LEU C 12 17.15 -26.40 -6.16
C LEU C 12 18.20 -27.45 -5.79
N GLN C 13 18.96 -27.91 -6.79
CA GLN C 13 19.98 -28.93 -6.57
C GLN C 13 20.90 -28.59 -5.40
N GLY C 14 20.98 -29.48 -4.42
CA GLY C 14 21.87 -29.28 -3.30
C GLY C 14 21.43 -28.26 -2.27
N LYS C 15 20.30 -27.59 -2.48
CA LYS C 15 19.87 -26.60 -1.51
C LYS C 15 19.39 -27.27 -0.21
N ARG C 16 19.50 -26.50 0.87
CA ARG C 16 19.19 -26.98 2.22
C ARG C 16 18.18 -26.04 2.84
N ALA C 17 17.00 -26.56 3.15
CA ALA C 17 15.85 -25.72 3.52
C ALA C 17 15.26 -26.12 4.85
N LEU C 18 14.70 -25.14 5.54
CA LEU C 18 13.91 -25.36 6.74
C LEU C 18 12.55 -24.69 6.56
N VAL C 19 11.48 -25.46 6.75
CA VAL C 19 10.11 -24.95 6.69
C VAL C 19 9.54 -25.13 8.08
N THR C 20 9.24 -24.04 8.79
CA THR C 20 8.58 -24.19 10.09
C THR C 20 7.10 -24.54 9.87
N GLY C 21 6.55 -25.36 10.77
CA GLY C 21 5.19 -25.84 10.61
C GLY C 21 4.98 -26.58 9.29
N GLY C 22 5.80 -27.61 9.06
CA GLY C 22 5.77 -28.32 7.80
C GLY C 22 5.05 -29.66 7.86
N SER C 23 4.33 -29.95 8.95
CA SER C 23 3.68 -31.24 9.13
C SER C 23 2.34 -31.33 8.40
N ARG C 24 1.70 -30.19 8.10
CA ARG C 24 0.35 -30.13 7.59
C ARG C 24 0.20 -28.90 6.72
N GLY C 25 -0.86 -28.89 5.89
CA GLY C 25 -1.30 -27.63 5.29
C GLY C 25 -0.32 -27.02 4.30
N ILE C 26 -0.27 -25.69 4.33
CA ILE C 26 0.62 -24.96 3.41
C ILE C 26 2.07 -25.36 3.64
N GLY C 27 2.49 -25.47 4.90
CA GLY C 27 3.88 -25.81 5.16
C GLY C 27 4.27 -27.17 4.64
N ALA C 28 3.41 -28.18 4.78
CA ALA C 28 3.71 -29.50 4.21
C ALA C 28 3.81 -29.41 2.69
N ALA C 29 2.94 -28.61 2.07
CA ALA C 29 3.02 -28.47 0.62
C ALA C 29 4.32 -27.79 0.21
N ILE C 30 4.74 -26.77 0.98
CA ILE C 30 6.00 -26.10 0.69
C ILE C 30 7.17 -27.07 0.82
N ALA C 31 7.21 -27.83 1.93
CA ALA C 31 8.31 -28.77 2.12
C ALA C 31 8.37 -29.77 0.98
N LYS C 32 7.22 -30.30 0.57
CA LYS C 32 7.20 -31.28 -0.50
C LYS C 32 7.65 -30.68 -1.82
N ARG C 33 7.28 -29.42 -2.08
CA ARG C 33 7.63 -28.82 -3.35
C ARG C 33 9.12 -28.48 -3.40
N LEU C 34 9.67 -27.94 -2.30
CA LEU C 34 11.11 -27.69 -2.29
C LEU C 34 11.88 -28.98 -2.52
N ALA C 35 11.44 -30.07 -1.88
CA ALA C 35 12.10 -31.36 -2.09
C ALA C 35 11.95 -31.84 -3.53
N ALA C 36 10.75 -31.68 -4.12
CA ALA C 36 10.56 -32.09 -5.49
C ALA C 36 11.46 -31.30 -6.44
N ASP C 37 11.75 -30.05 -6.09
CA ASP C 37 12.63 -29.20 -6.88
C ASP C 37 14.10 -29.47 -6.61
N GLY C 38 14.42 -30.34 -5.65
CA GLY C 38 15.79 -30.79 -5.45
C GLY C 38 16.37 -30.55 -4.07
N ALA C 39 15.67 -29.85 -3.17
CA ALA C 39 16.25 -29.47 -1.90
C ALA C 39 16.20 -30.59 -0.87
N ASP C 40 17.19 -30.59 0.02
CA ASP C 40 17.03 -31.28 1.30
C ASP C 40 16.17 -30.41 2.19
N VAL C 41 15.23 -31.02 2.92
CA VAL C 41 14.21 -30.24 3.63
C VAL C 41 14.06 -30.71 5.08
N ALA C 42 14.19 -29.77 6.00
CA ALA C 42 13.83 -29.97 7.39
C ALA C 42 12.51 -29.26 7.67
N ILE C 43 11.69 -29.85 8.55
CA ILE C 43 10.46 -29.20 8.98
C ILE C 43 10.42 -29.14 10.50
N THR C 44 9.69 -28.15 11.04
CA THR C 44 9.28 -28.22 12.44
C THR C 44 7.80 -28.51 12.55
N TYR C 45 7.41 -28.93 13.76
CA TYR C 45 6.02 -29.16 14.10
C TYR C 45 5.86 -28.96 15.59
N GLU C 46 4.62 -28.85 16.02
CA GLU C 46 4.33 -28.71 17.45
C GLU C 46 3.91 -30.03 18.07
N LYS C 47 2.91 -30.70 17.47
CA LYS C 47 2.36 -31.92 18.03
C LYS C 47 2.19 -33.05 17.02
N SER C 48 2.13 -32.76 15.71
CA SER C 48 1.77 -33.79 14.73
C SER C 48 3.00 -34.64 14.33
N ALA C 49 3.49 -35.43 15.28
CA ALA C 49 4.72 -36.18 15.04
C ALA C 49 4.56 -37.20 13.90
N GLU C 50 3.42 -37.91 13.87
CA GLU C 50 3.23 -38.94 12.85
C GLU C 50 3.09 -38.31 11.46
N ARG C 51 2.31 -37.24 11.35
CA ARG C 51 2.19 -36.58 10.05
C ARG C 51 3.53 -35.99 9.60
N ALA C 52 4.29 -35.45 10.55
CA ALA C 52 5.59 -34.88 10.21
C ALA C 52 6.52 -35.95 9.67
N GLN C 53 6.55 -37.10 10.33
CA GLN C 53 7.40 -38.17 9.86
C GLN C 53 6.94 -38.70 8.50
N ALA C 54 5.64 -38.66 8.21
CA ALA C 54 5.18 -39.07 6.90
C ALA C 54 5.65 -38.09 5.83
N VAL C 55 5.65 -36.79 6.13
CA VAL C 55 6.23 -35.83 5.20
C VAL C 55 7.70 -36.16 4.95
N VAL C 56 8.43 -36.42 6.03
CA VAL C 56 9.86 -36.76 5.92
C VAL C 56 10.05 -38.01 5.06
N ALA C 57 9.27 -39.06 5.33
CA ALA C 57 9.46 -40.30 4.58
C ALA C 57 9.20 -40.09 3.10
N GLY C 58 8.21 -39.27 2.76
CA GLY C 58 7.96 -39.01 1.35
C GLY C 58 9.09 -38.29 0.67
N ILE C 59 9.76 -37.39 1.40
CA ILE C 59 10.87 -36.65 0.83
C ILE C 59 12.08 -37.57 0.67
N GLU C 60 12.36 -38.39 1.68
CA GLU C 60 13.44 -39.36 1.57
C GLU C 60 13.23 -40.30 0.39
N ALA C 61 11.97 -40.61 0.06
CA ALA C 61 11.71 -41.54 -1.04
C ALA C 61 12.10 -40.94 -2.38
N LEU C 62 12.19 -39.61 -2.46
CA LEU C 62 12.73 -38.95 -3.66
C LEU C 62 14.24 -38.99 -3.72
N GLY C 63 14.91 -39.43 -2.66
CA GLY C 63 16.35 -39.40 -2.61
C GLY C 63 16.94 -38.20 -1.93
N ARG C 64 16.12 -37.34 -1.32
CA ARG C 64 16.60 -36.18 -0.58
CA ARG C 64 16.57 -36.18 -0.58
C ARG C 64 16.79 -36.52 0.89
N ARG C 65 17.55 -35.67 1.57
CA ARG C 65 17.62 -35.73 3.03
C ARG C 65 16.44 -34.96 3.60
N ALA C 66 15.86 -35.47 4.70
CA ALA C 66 14.80 -34.76 5.37
C ALA C 66 14.79 -35.11 6.84
N ILE C 67 14.42 -34.14 7.68
CA ILE C 67 14.25 -34.39 9.11
C ILE C 67 13.04 -33.59 9.56
N ALA C 68 12.47 -34.04 10.67
CA ALA C 68 11.38 -33.34 11.34
C ALA C 68 11.77 -33.12 12.79
N ILE C 69 11.70 -31.86 13.23
CA ILE C 69 12.13 -31.44 14.57
C ILE C 69 10.92 -30.90 15.30
N GLN C 70 10.56 -31.51 16.43
CA GLN C 70 9.54 -30.92 17.29
CA GLN C 70 9.54 -30.92 17.29
C GLN C 70 10.11 -29.64 17.88
N ALA C 71 9.45 -28.51 17.64
CA ALA C 71 9.93 -27.22 18.14
C ALA C 71 8.76 -26.29 18.22
N ASP C 72 8.37 -25.94 19.45
CA ASP C 72 7.27 -25.02 19.66
C ASP C 72 7.69 -23.62 19.25
N SER C 73 7.04 -23.08 18.21
CA SER C 73 7.32 -21.71 17.80
C SER C 73 7.15 -20.71 18.93
N ALA C 74 6.29 -20.99 19.92
CA ALA C 74 6.13 -20.05 21.04
C ALA C 74 7.35 -19.96 21.93
N ASP C 75 8.26 -20.92 21.82
CA ASP C 75 9.46 -20.99 22.65
C ASP C 75 10.65 -20.49 21.83
N PRO C 76 11.18 -19.30 22.11
CA PRO C 76 12.21 -18.75 21.22
C PRO C 76 13.51 -19.52 21.28
N VAL C 77 13.79 -20.16 22.42
CA VAL C 77 14.98 -21.01 22.49
C VAL C 77 14.81 -22.23 21.60
N ALA C 78 13.63 -22.86 21.65
CA ALA C 78 13.38 -23.99 20.75
C ALA C 78 13.53 -23.59 19.26
N VAL C 79 13.05 -22.40 18.89
CA VAL C 79 13.13 -21.96 17.49
C VAL C 79 14.57 -21.77 17.07
N ARG C 80 15.33 -21.01 17.86
CA ARG C 80 16.74 -20.77 17.57
CA ARG C 80 16.73 -20.77 17.55
C ARG C 80 17.49 -22.09 17.46
N ASN C 81 17.27 -22.99 18.43
CA ASN C 81 17.94 -24.28 18.41
C ASN C 81 17.57 -25.08 17.17
N ALA C 82 16.30 -25.02 16.74
CA ALA C 82 15.91 -25.79 15.55
C ALA C 82 16.68 -25.32 14.32
N VAL C 83 16.81 -24.01 14.15
CA VAL C 83 17.58 -23.49 13.02
C VAL C 83 19.01 -24.00 13.07
N ASP C 84 19.65 -23.89 14.25
CA ASP C 84 21.03 -24.34 14.38
C ASP C 84 21.14 -25.85 14.14
N ARG C 85 20.15 -26.61 14.59
CA ARG C 85 20.20 -28.06 14.43
C ARG C 85 20.10 -28.46 12.96
N VAL C 86 19.32 -27.73 12.17
CA VAL C 86 19.26 -28.02 10.74
C VAL C 86 20.59 -27.71 10.06
N ALA C 87 21.18 -26.55 10.37
CA ALA C 87 22.50 -26.25 9.81
C ALA C 87 23.51 -27.32 10.19
N GLU C 88 23.45 -27.84 11.42
CA GLU C 88 24.37 -28.91 11.83
C GLU C 88 24.08 -30.19 11.05
N ALA C 89 22.81 -30.55 10.92
CA ALA C 89 22.44 -31.82 10.31
C ALA C 89 22.75 -31.85 8.82
N PHE C 90 22.45 -30.77 8.12
CA PHE C 90 22.62 -30.72 6.68
C PHE C 90 23.98 -30.17 6.24
N GLY C 91 24.75 -29.59 7.16
CA GLY C 91 26.01 -28.94 6.81
C GLY C 91 25.90 -27.45 6.57
N GLY C 92 24.70 -26.94 6.38
CA GLY C 92 24.47 -25.52 6.17
C GLY C 92 23.01 -25.31 5.95
N LEU C 93 22.66 -24.07 5.63
CA LEU C 93 21.27 -23.70 5.42
C LEU C 93 21.23 -22.64 4.34
N ASP C 94 20.33 -22.82 3.37
CA ASP C 94 20.19 -21.90 2.26
C ASP C 94 18.84 -21.22 2.19
N ILE C 95 17.78 -21.85 2.70
CA ILE C 95 16.41 -21.38 2.56
C ILE C 95 15.70 -21.54 3.91
N LEU C 96 15.10 -20.47 4.40
CA LEU C 96 14.25 -20.50 5.58
C LEU C 96 12.87 -20.06 5.17
N VAL C 97 11.85 -20.88 5.47
CA VAL C 97 10.44 -20.52 5.26
C VAL C 97 9.78 -20.48 6.62
N ASN C 98 9.37 -19.28 7.06
CA ASN C 98 8.67 -19.10 8.33
C ASN C 98 7.19 -19.26 8.06
N ASN C 99 6.65 -20.45 8.31
CA ASN C 99 5.28 -20.73 7.93
C ASN C 99 4.36 -21.07 9.12
N ALA C 100 4.88 -21.63 10.21
CA ALA C 100 4.02 -22.01 11.33
C ALA C 100 3.25 -20.80 11.81
N GLY C 101 1.96 -20.99 12.05
CA GLY C 101 1.14 -19.89 12.50
C GLY C 101 -0.16 -20.39 13.06
N ILE C 102 -0.83 -19.52 13.81
CA ILE C 102 -2.10 -19.83 14.45
C ILE C 102 -3.10 -18.71 14.21
N PHE C 103 -4.37 -19.09 14.23
CA PHE C 103 -5.47 -18.13 14.14
CA PHE C 103 -5.49 -18.16 14.11
C PHE C 103 -6.39 -18.45 15.31
N ARG C 104 -6.33 -17.59 16.33
CA ARG C 104 -7.15 -17.75 17.54
C ARG C 104 -8.47 -17.01 17.32
N ALA C 105 -9.55 -17.76 17.17
CA ALA C 105 -10.85 -17.13 16.93
C ALA C 105 -11.36 -16.46 18.19
N GLY C 106 -11.99 -15.31 18.01
CA GLY C 106 -12.69 -14.68 19.11
C GLY C 106 -13.04 -13.23 18.84
N SER C 107 -14.07 -12.73 19.53
CA SER C 107 -14.45 -11.33 19.45
C SER C 107 -13.49 -10.45 20.26
N LEU C 108 -13.54 -9.16 19.98
CA LEU C 108 -12.77 -8.20 20.77
C LEU C 108 -13.12 -8.32 22.25
N ASP C 109 -14.43 -8.38 22.56
CA ASP C 109 -14.89 -8.45 23.95
C ASP C 109 -14.27 -9.62 24.70
N ASP C 110 -14.13 -10.77 24.03
CA ASP C 110 -13.70 -12.02 24.65
C ASP C 110 -12.20 -12.28 24.55
N LEU C 111 -11.46 -11.40 23.88
CA LEU C 111 -10.05 -11.61 23.65
C LEU C 111 -9.28 -11.75 24.95
N THR C 112 -8.46 -12.81 25.04
CA THR C 112 -7.71 -13.09 26.25
C THR C 112 -6.25 -12.73 26.08
N LEU C 113 -5.59 -12.49 27.22
CA LEU C 113 -4.14 -12.27 27.20
C LEU C 113 -3.41 -13.50 26.65
N ASP C 114 -3.87 -14.70 27.02
CA ASP C 114 -3.25 -15.90 26.46
C ASP C 114 -3.33 -15.90 24.94
N ASP C 115 -4.47 -15.50 24.37
CA ASP C 115 -4.57 -15.48 22.92
C ASP C 115 -3.64 -14.42 22.31
N ILE C 116 -3.57 -13.23 22.93
CA ILE C 116 -2.67 -12.18 22.47
C ILE C 116 -1.22 -12.66 22.49
N ASP C 117 -0.79 -13.22 23.63
CA ASP C 117 0.60 -13.68 23.77
C ASP C 117 0.92 -14.82 22.82
N ALA C 118 0.02 -15.81 22.73
CA ALA C 118 0.28 -16.94 21.83
C ALA C 118 0.40 -16.47 20.39
N THR C 119 -0.49 -15.57 19.98
CA THR C 119 -0.45 -15.10 18.60
C THR C 119 0.81 -14.30 18.33
N LEU C 120 1.15 -13.36 19.20
CA LEU C 120 2.36 -12.60 18.96
C LEU C 120 3.60 -13.49 19.06
N ASN C 121 3.63 -14.44 19.99
CA ASN C 121 4.82 -15.28 20.14
C ASN C 121 5.00 -16.22 18.95
N VAL C 122 3.92 -16.86 18.50
CA VAL C 122 4.01 -17.83 17.40
C VAL C 122 4.12 -17.11 16.06
N ASN C 123 3.24 -16.12 15.82
CA ASN C 123 3.17 -15.54 14.48
C ASN C 123 4.20 -14.45 14.23
N VAL C 124 4.75 -13.82 15.28
CA VAL C 124 5.71 -12.73 15.09
C VAL C 124 7.06 -13.08 15.69
N ARG C 125 7.10 -13.34 16.99
CA ARG C 125 8.41 -13.48 17.62
C ARG C 125 9.18 -14.64 17.03
N ALA C 126 8.49 -15.75 16.74
CA ALA C 126 9.16 -16.92 16.18
C ALA C 126 9.78 -16.62 14.83
N VAL C 127 9.13 -15.74 14.05
CA VAL C 127 9.64 -15.35 12.74
C VAL C 127 10.91 -14.53 12.91
N ILE C 128 10.88 -13.58 13.83
CA ILE C 128 12.05 -12.75 14.11
C ILE C 128 13.23 -13.60 14.58
N VAL C 129 12.97 -14.48 15.56
CA VAL C 129 14.03 -15.32 16.13
C VAL C 129 14.61 -16.26 15.08
N ALA C 130 13.75 -16.93 14.29
CA ALA C 130 14.28 -17.87 13.30
C ALA C 130 15.06 -17.12 12.22
N SER C 131 14.56 -15.96 11.83
CA SER C 131 15.24 -15.16 10.80
C SER C 131 16.63 -14.74 11.28
N GLN C 132 16.72 -14.24 12.52
CA GLN C 132 18.02 -13.88 13.08
C GLN C 132 18.95 -15.09 13.12
N ALA C 133 18.44 -16.23 13.58
CA ALA C 133 19.31 -17.39 13.66
C ALA C 133 19.74 -17.86 12.28
N ALA C 134 18.82 -17.88 11.32
CA ALA C 134 19.16 -18.27 9.96
C ALA C 134 20.20 -17.34 9.37
N ALA C 135 20.13 -16.04 9.70
CA ALA C 135 21.09 -15.09 9.16
C ALA C 135 22.51 -15.38 9.61
N ARG C 136 22.69 -16.13 10.70
CA ARG C 136 24.05 -16.52 11.07
C ARG C 136 24.60 -17.61 10.18
N HIS C 137 23.76 -18.30 9.42
CA HIS C 137 24.13 -19.46 8.61
C HIS C 137 24.04 -19.23 7.11
N LEU C 138 23.04 -18.47 6.67
CA LEU C 138 22.79 -18.27 5.25
CA LEU C 138 22.79 -18.29 5.25
C LEU C 138 23.95 -17.53 4.59
N GLY C 139 24.28 -17.96 3.39
CA GLY C 139 25.30 -17.31 2.60
C GLY C 139 24.70 -16.48 1.49
N GLU C 140 25.59 -15.97 0.65
CA GLU C 140 25.18 -15.23 -0.54
C GLU C 140 24.23 -16.08 -1.37
N GLY C 141 23.08 -15.51 -1.71
CA GLY C 141 22.07 -16.26 -2.44
C GLY C 141 21.08 -16.97 -1.57
N GLY C 142 21.24 -16.88 -0.26
CA GLY C 142 20.25 -17.43 0.63
C GLY C 142 18.93 -16.70 0.51
N ARG C 143 17.89 -17.38 0.99
CA ARG C 143 16.52 -16.88 0.81
C ARG C 143 15.73 -17.07 2.10
N ILE C 144 15.02 -16.02 2.53
CA ILE C 144 14.07 -16.10 3.64
C ILE C 144 12.71 -15.71 3.11
N VAL C 145 11.70 -16.55 3.37
CA VAL C 145 10.30 -16.24 3.02
C VAL C 145 9.48 -16.49 4.26
N SER C 146 8.50 -15.63 4.54
CA SER C 146 7.53 -15.90 5.59
C SER C 146 6.13 -15.98 4.99
N THR C 147 5.26 -16.75 5.64
CA THR C 147 3.87 -16.83 5.23
C THR C 147 3.08 -15.74 5.94
N GLY C 148 2.54 -14.79 5.14
CA GLY C 148 1.74 -13.69 5.64
C GLY C 148 0.26 -14.01 5.56
N SER C 149 -0.53 -13.08 5.02
CA SER C 149 -1.96 -13.28 4.86
C SER C 149 -2.51 -12.09 4.09
N CYS C 150 -3.52 -12.32 3.24
CA CYS C 150 -4.18 -11.17 2.63
C CYS C 150 -4.81 -10.26 3.69
N LEU C 151 -5.09 -10.78 4.88
CA LEU C 151 -5.63 -9.98 5.99
C LEU C 151 -4.60 -9.02 6.57
N ALA C 152 -3.32 -9.17 6.24
CA ALA C 152 -2.30 -8.24 6.74
C ALA C 152 -2.55 -6.82 6.25
N THR C 153 -3.18 -6.67 5.08
CA THR C 153 -3.39 -5.34 4.52
C THR C 153 -4.84 -4.97 4.28
N ARG C 154 -5.77 -5.92 4.38
CA ARG C 154 -7.18 -5.66 4.15
CA ARG C 154 -7.19 -5.63 4.18
C ARG C 154 -7.97 -6.53 5.11
N VAL C 155 -8.76 -5.92 5.99
CA VAL C 155 -9.49 -6.70 7.01
C VAL C 155 -10.98 -6.47 6.80
N PRO C 156 -11.74 -7.48 6.32
CA PRO C 156 -13.12 -7.24 5.88
C PRO C 156 -14.18 -7.32 6.95
N ASP C 157 -13.87 -7.97 8.06
CA ASP C 157 -14.89 -8.21 9.07
C ASP C 157 -14.28 -8.10 10.45
N ALA C 158 -15.19 -8.11 11.43
CA ALA C 158 -14.83 -8.21 12.83
C ALA C 158 -14.23 -9.57 13.15
N GLY C 159 -13.48 -9.61 14.24
CA GLY C 159 -12.98 -10.87 14.78
C GLY C 159 -11.62 -11.28 14.30
N MET C 160 -10.99 -10.48 13.44
CA MET C 160 -9.73 -10.78 12.78
C MET C 160 -8.58 -9.88 13.23
N SER C 161 -8.77 -9.02 14.23
CA SER C 161 -7.85 -7.89 14.39
C SER C 161 -6.51 -8.34 14.96
N LEU C 162 -6.51 -9.19 15.98
CA LEU C 162 -5.26 -9.70 16.51
C LEU C 162 -4.47 -10.45 15.43
N TYR C 163 -5.15 -11.32 14.68
CA TYR C 163 -4.46 -12.07 13.63
C TYR C 163 -3.91 -11.14 12.55
N ALA C 164 -4.74 -10.17 12.12
CA ALA C 164 -4.27 -9.25 11.09
C ALA C 164 -3.06 -8.46 11.57
N ALA C 165 -3.08 -8.01 12.83
CA ALA C 165 -1.92 -7.33 13.40
C ALA C 165 -0.67 -8.20 13.31
N SER C 166 -0.81 -9.49 13.67
CA SER C 166 0.36 -10.38 13.68
C SER C 166 0.94 -10.54 12.28
N LYS C 167 0.08 -10.56 11.26
CA LYS C 167 0.59 -10.75 9.90
C LYS C 167 1.12 -9.45 9.32
N ALA C 168 0.47 -8.33 9.64
CA ALA C 168 0.98 -7.03 9.21
C ALA C 168 2.37 -6.78 9.77
N ALA C 169 2.63 -7.25 11.01
CA ALA C 169 3.96 -7.09 11.60
C ALA C 169 5.03 -7.67 10.70
N LEU C 170 4.72 -8.79 10.03
CA LEU C 170 5.72 -9.47 9.21
C LEU C 170 6.07 -8.67 7.97
N ILE C 171 5.20 -7.74 7.55
CA ILE C 171 5.53 -6.88 6.41
C ILE C 171 6.68 -5.94 6.78
N GLY C 172 6.56 -5.24 7.91
CA GLY C 172 7.65 -4.38 8.34
C GLY C 172 8.92 -5.16 8.60
N TRP C 173 8.80 -6.34 9.25
CA TRP C 173 9.96 -7.19 9.46
C TRP C 173 10.64 -7.55 8.14
N THR C 174 9.84 -7.95 7.15
CA THR C 174 10.39 -8.43 5.87
C THR C 174 11.14 -7.31 5.16
N GLN C 175 10.53 -6.13 5.10
CA GLN C 175 11.18 -5.04 4.39
C GLN C 175 12.46 -4.60 5.10
N GLY C 176 12.40 -4.48 6.42
CA GLY C 176 13.62 -4.11 7.15
C GLY C 176 14.70 -5.16 7.04
N LEU C 177 14.31 -6.43 7.10
CA LEU C 177 15.32 -7.48 7.08
C LEU C 177 15.98 -7.58 5.71
N ALA C 178 15.24 -7.27 4.64
CA ALA C 178 15.89 -7.19 3.34
C ALA C 178 16.99 -6.15 3.35
N ARG C 179 16.77 -5.01 4.03
CA ARG C 179 17.86 -4.03 4.15
C ARG C 179 19.01 -4.58 4.98
N ASP C 180 18.70 -5.24 6.11
CA ASP C 180 19.75 -5.77 6.97
C ASP C 180 20.67 -6.73 6.24
N LEU C 181 20.08 -7.58 5.38
CA LEU C 181 20.79 -8.70 4.80
C LEU C 181 21.20 -8.45 3.36
N GLY C 182 20.95 -7.25 2.84
CA GLY C 182 21.39 -6.91 1.51
C GLY C 182 22.87 -7.12 1.24
N PRO C 183 23.73 -6.58 2.08
CA PRO C 183 25.18 -6.72 1.82
C PRO C 183 25.62 -8.16 1.79
N ARG C 184 24.94 -9.03 2.52
CA ARG C 184 25.27 -10.45 2.55
C ARG C 184 24.59 -11.22 1.43
N GLY C 185 23.73 -10.57 0.66
CA GLY C 185 23.14 -11.20 -0.51
C GLY C 185 22.01 -12.15 -0.24
N ILE C 186 21.28 -11.96 0.85
CA ILE C 186 20.15 -12.82 1.21
C ILE C 186 18.87 -12.04 0.92
N THR C 187 17.95 -12.62 0.13
CA THR C 187 16.66 -11.96 -0.08
C THR C 187 15.69 -12.34 1.02
N VAL C 188 14.74 -11.43 1.28
CA VAL C 188 13.72 -11.61 2.32
C VAL C 188 12.39 -11.16 1.72
N ASN C 189 11.41 -12.07 1.69
CA ASN C 189 10.13 -11.80 1.06
C ASN C 189 9.00 -12.39 1.89
N ILE C 190 7.77 -12.00 1.56
CA ILE C 190 6.60 -12.55 2.27
C ILE C 190 5.60 -12.97 1.21
N VAL C 191 5.03 -14.16 1.36
CA VAL C 191 3.95 -14.63 0.49
C VAL C 191 2.68 -14.56 1.31
N HIS C 192 1.68 -13.83 0.81
CA HIS C 192 0.41 -13.61 1.51
C HIS C 192 -0.67 -14.47 0.88
N PRO C 193 -1.01 -15.62 1.43
CA PRO C 193 -2.15 -16.37 0.90
C PRO C 193 -3.46 -15.70 1.28
N GLY C 194 -4.43 -15.86 0.39
CA GLY C 194 -5.82 -15.68 0.75
C GLY C 194 -6.34 -17.02 1.21
N SER C 195 -7.66 -17.18 1.10
CA SER C 195 -8.31 -18.41 1.57
C SER C 195 -7.76 -19.62 0.84
N THR C 196 -7.18 -20.52 1.61
CA THR C 196 -6.45 -21.69 1.11
C THR C 196 -6.93 -22.91 1.88
N ASP C 197 -7.28 -23.98 1.16
CA ASP C 197 -7.97 -25.11 1.80
C ASP C 197 -7.02 -25.91 2.68
N THR C 198 -7.14 -25.72 3.99
CA THR C 198 -6.27 -26.38 4.98
C THR C 198 -7.10 -26.67 6.22
N ASP C 199 -6.47 -27.30 7.21
CA ASP C 199 -7.16 -27.50 8.47
C ASP C 199 -7.52 -26.17 9.13
N MET C 200 -6.64 -25.16 9.02
CA MET C 200 -6.94 -23.85 9.60
C MET C 200 -8.14 -23.21 8.93
N ASN C 201 -8.30 -23.44 7.63
CA ASN C 201 -9.32 -22.76 6.83
C ASN C 201 -9.89 -23.73 5.82
N PRO C 202 -10.74 -24.65 6.27
CA PRO C 202 -11.26 -25.65 5.33
C PRO C 202 -12.26 -25.05 4.36
N ALA C 203 -12.18 -25.47 3.10
CA ALA C 203 -13.05 -24.91 2.07
C ALA C 203 -14.51 -25.29 2.27
N ASP C 204 -14.81 -26.24 3.15
CA ASP C 204 -16.19 -26.56 3.49
C ASP C 204 -16.60 -26.02 4.84
N GLY C 205 -15.83 -25.10 5.43
CA GLY C 205 -16.11 -24.57 6.74
C GLY C 205 -17.22 -23.52 6.78
N ALA C 206 -17.59 -23.13 8.00
CA ALA C 206 -18.77 -22.26 8.18
C ALA C 206 -18.56 -20.89 7.55
N HIS C 207 -17.34 -20.39 7.53
CA HIS C 207 -17.06 -19.07 6.96
C HIS C 207 -16.68 -19.12 5.50
N ALA C 208 -16.65 -20.31 4.87
CA ALA C 208 -16.00 -20.41 3.57
C ALA C 208 -16.81 -19.73 2.48
N ASP C 209 -18.15 -19.75 2.56
CA ASP C 209 -18.94 -19.01 1.56
C ASP C 209 -18.63 -17.54 1.62
N ALA C 210 -18.57 -16.98 2.84
CA ALA C 210 -18.28 -15.55 2.98
C ALA C 210 -16.91 -15.23 2.41
N GLN C 211 -15.93 -16.12 2.67
CA GLN C 211 -14.60 -15.89 2.14
C GLN C 211 -14.59 -15.97 0.62
N ARG C 212 -15.27 -16.97 0.04
CA ARG C 212 -15.30 -17.03 -1.42
C ARG C 212 -15.95 -15.79 -2.02
N SER C 213 -16.98 -15.25 -1.36
CA SER C 213 -17.71 -14.09 -1.88
CA SER C 213 -17.69 -14.11 -1.92
C SER C 213 -16.82 -12.86 -2.04
N ARG C 214 -15.69 -12.80 -1.31
CA ARG C 214 -14.78 -11.66 -1.39
C ARG C 214 -13.85 -11.74 -2.58
N MET C 215 -13.69 -12.94 -3.15
CA MET C 215 -12.73 -13.14 -4.22
C MET C 215 -13.30 -12.69 -5.56
N ALA C 216 -12.40 -12.39 -6.50
CA ALA C 216 -12.80 -12.15 -7.89
C ALA C 216 -13.17 -13.45 -8.59
N ILE C 217 -12.41 -14.51 -8.33
CA ILE C 217 -12.74 -15.85 -8.81
C ILE C 217 -12.94 -16.70 -7.56
N GLN C 218 -14.19 -17.16 -7.36
CA GLN C 218 -14.60 -17.60 -6.02
C GLN C 218 -14.34 -19.10 -5.86
N GLN C 219 -13.09 -19.39 -5.54
CA GLN C 219 -12.63 -20.75 -5.29
CA GLN C 219 -12.60 -20.75 -5.33
C GLN C 219 -11.47 -20.68 -4.31
N TYR C 220 -11.52 -21.51 -3.28
CA TYR C 220 -10.38 -21.56 -2.37
C TYR C 220 -9.11 -21.93 -3.12
N GLY C 221 -7.99 -21.38 -2.67
CA GLY C 221 -6.71 -21.73 -3.24
C GLY C 221 -6.23 -23.09 -2.76
N LYS C 222 -5.32 -23.66 -3.56
CA LYS C 222 -4.64 -24.91 -3.25
C LYS C 222 -3.35 -24.66 -2.52
N ALA C 223 -3.11 -25.40 -1.43
CA ALA C 223 -1.82 -25.31 -0.75
C ALA C 223 -0.66 -25.56 -1.71
N ASP C 224 -0.86 -26.45 -2.68
CA ASP C 224 0.21 -26.75 -3.63
C ASP C 224 0.55 -25.55 -4.50
N ASP C 225 -0.43 -24.66 -4.77
CA ASP C 225 -0.12 -23.46 -5.56
C ASP C 225 0.62 -22.44 -4.73
N VAL C 226 0.26 -22.30 -3.45
CA VAL C 226 1.04 -21.44 -2.57
C VAL C 226 2.48 -21.93 -2.52
N ALA C 227 2.67 -23.25 -2.42
CA ALA C 227 4.00 -23.83 -2.42
C ALA C 227 4.74 -23.53 -3.71
N ALA C 228 4.05 -23.59 -4.85
CA ALA C 228 4.70 -23.30 -6.13
C ALA C 228 5.23 -21.88 -6.15
N LEU C 229 4.46 -20.93 -5.64
CA LEU C 229 4.90 -19.54 -5.61
C LEU C 229 6.10 -19.36 -4.68
N VAL C 230 6.06 -19.97 -3.47
CA VAL C 230 7.22 -19.92 -2.59
C VAL C 230 8.45 -20.49 -3.29
N ALA C 231 8.27 -21.62 -3.97
CA ALA C 231 9.41 -22.26 -4.65
C ALA C 231 9.95 -21.38 -5.76
N PHE C 232 9.09 -20.62 -6.44
CA PHE C 232 9.60 -19.69 -7.45
C PHE C 232 10.45 -18.61 -6.78
N VAL C 233 9.94 -18.04 -5.68
CA VAL C 233 10.63 -16.93 -5.03
C VAL C 233 12.01 -17.37 -4.53
N VAL C 234 12.10 -18.58 -3.98
CA VAL C 234 13.38 -19.02 -3.43
C VAL C 234 14.26 -19.72 -4.46
N GLY C 235 13.83 -19.77 -5.72
CA GLY C 235 14.53 -20.50 -6.75
C GLY C 235 15.44 -19.67 -7.61
N PRO C 236 15.97 -20.30 -8.66
CA PRO C 236 17.06 -19.66 -9.42
C PRO C 236 16.64 -18.46 -10.24
N GLU C 237 15.35 -18.17 -10.39
CA GLU C 237 14.92 -16.99 -11.13
C GLU C 237 14.30 -15.95 -10.21
N GLY C 238 14.41 -16.11 -8.89
CA GLY C 238 13.85 -15.19 -7.94
C GLY C 238 14.83 -14.25 -7.26
N ARG C 239 16.09 -14.19 -7.71
CA ARG C 239 17.10 -13.41 -6.99
C ARG C 239 16.78 -11.93 -6.92
N SER C 240 16.05 -11.38 -7.90
CA SER C 240 15.71 -9.97 -7.88
C SER C 240 14.38 -9.69 -7.20
N ILE C 241 13.68 -10.70 -6.72
CA ILE C 241 12.49 -10.49 -5.90
C ILE C 241 12.96 -10.34 -4.46
N ASN C 242 12.73 -9.16 -3.88
CA ASN C 242 13.36 -8.92 -2.59
C ASN C 242 12.61 -7.82 -1.85
N GLY C 243 12.39 -8.05 -0.56
CA GLY C 243 11.75 -7.06 0.28
C GLY C 243 10.29 -6.84 -0.02
N THR C 244 9.62 -7.80 -0.66
CA THR C 244 8.30 -7.53 -1.19
C THR C 244 7.31 -8.60 -0.74
N GLY C 245 6.03 -8.27 -0.96
CA GLY C 245 4.94 -9.17 -0.65
C GLY C 245 4.28 -9.64 -1.93
N LEU C 246 4.05 -10.96 -2.01
CA LEU C 246 3.39 -11.56 -3.16
CA LEU C 246 3.39 -11.55 -3.17
C LEU C 246 2.10 -12.20 -2.68
N THR C 247 0.96 -11.70 -3.17
CA THR C 247 -0.33 -12.13 -2.67
C THR C 247 -0.96 -13.14 -3.61
N ILE C 248 -1.47 -14.23 -3.04
CA ILE C 248 -2.11 -15.29 -3.84
C ILE C 248 -3.46 -15.56 -3.15
N ASP C 249 -4.47 -14.78 -3.52
CA ASP C 249 -5.71 -14.67 -2.76
C ASP C 249 -6.96 -14.66 -3.63
N GLY C 250 -6.86 -15.04 -4.91
CA GLY C 250 -8.06 -15.10 -5.71
C GLY C 250 -8.70 -13.76 -6.00
N GLY C 251 -7.98 -12.67 -5.74
CA GLY C 251 -8.54 -11.36 -5.96
C GLY C 251 -9.22 -10.75 -4.76
N ALA C 252 -9.13 -11.38 -3.59
CA ALA C 252 -9.83 -10.82 -2.44
C ALA C 252 -9.40 -9.39 -2.15
N ASN C 253 -8.12 -9.08 -2.36
CA ASN C 253 -7.59 -7.76 -2.03
C ASN C 253 -7.64 -6.78 -3.21
N ALA C 254 -8.28 -7.15 -4.30
CA ALA C 254 -8.44 -6.20 -5.41
C ALA C 254 -9.28 -5.00 -4.98
N ASN D 10 -15.80 24.98 22.53
CA ASN D 10 -14.64 24.12 22.45
C ASN D 10 -14.84 22.96 21.47
N ARG D 11 -13.87 22.76 20.58
CA ARG D 11 -13.93 21.66 19.63
C ARG D 11 -14.18 20.32 20.33
N LEU D 12 -13.55 20.11 21.49
CA LEU D 12 -13.68 18.85 22.23
C LEU D 12 -14.32 19.08 23.59
N GLN D 13 -15.25 20.03 23.68
CA GLN D 13 -15.91 20.34 24.94
C GLN D 13 -16.50 19.08 25.58
N GLY D 14 -16.17 18.87 26.85
CA GLY D 14 -16.71 17.76 27.60
C GLY D 14 -16.07 16.42 27.32
N LYS D 15 -15.12 16.35 26.40
CA LYS D 15 -14.52 15.09 26.04
C LYS D 15 -13.50 14.65 27.10
N ARG D 16 -13.30 13.34 27.17
CA ARG D 16 -12.50 12.69 28.20
C ARG D 16 -11.48 11.81 27.49
N ALA D 17 -10.18 12.09 27.68
CA ALA D 17 -9.13 11.48 26.86
C ALA D 17 -8.04 10.85 27.72
N LEU D 18 -7.41 9.80 27.17
CA LEU D 18 -6.20 9.19 27.71
C LEU D 18 -5.17 9.13 26.60
N VAL D 19 -3.97 9.66 26.88
CA VAL D 19 -2.84 9.59 25.96
C VAL D 19 -1.74 8.80 26.67
N THR D 20 -1.41 7.63 26.15
CA THR D 20 -0.30 6.90 26.75
C THR D 20 1.03 7.54 26.34
N GLY D 21 2.00 7.49 27.25
CA GLY D 21 3.28 8.15 27.00
C GLY D 21 3.12 9.65 26.77
N GLY D 22 2.46 10.35 27.68
CA GLY D 22 2.17 11.76 27.51
C GLY D 22 3.10 12.68 28.26
N SER D 23 4.20 12.18 28.79
CA SER D 23 5.08 12.99 29.62
C SER D 23 6.01 13.89 28.81
N ARG D 24 6.22 13.59 27.52
CA ARG D 24 7.14 14.34 26.70
C ARG D 24 6.89 13.98 25.24
N GLY D 25 7.62 14.68 24.36
CA GLY D 25 7.57 14.32 22.94
C GLY D 25 6.20 14.47 22.32
N ILE D 26 5.90 13.58 21.39
CA ILE D 26 4.65 13.64 20.65
C ILE D 26 3.46 13.47 21.59
N GLY D 27 3.56 12.56 22.56
CA GLY D 27 2.45 12.36 23.49
C GLY D 27 2.12 13.58 24.32
N ALA D 28 3.13 14.27 24.82
CA ALA D 28 2.87 15.50 25.56
C ALA D 28 2.21 16.53 24.66
N ALA D 29 2.65 16.62 23.41
CA ALA D 29 2.04 17.56 22.49
C ALA D 29 0.59 17.20 22.21
N ILE D 30 0.30 15.91 22.07
CA ILE D 30 -1.08 15.48 21.87
C ILE D 30 -1.93 15.82 23.09
N ALA D 31 -1.43 15.48 24.28
CA ALA D 31 -2.18 15.77 25.50
C ALA D 31 -2.49 17.25 25.62
N LYS D 32 -1.49 18.11 25.37
CA LYS D 32 -1.70 19.55 25.51
C LYS D 32 -2.71 20.07 24.48
N ARG D 33 -2.67 19.50 23.27
CA ARG D 33 -3.57 19.99 22.23
C ARG D 33 -5.00 19.55 22.49
N LEU D 34 -5.20 18.31 22.91
CA LEU D 34 -6.56 17.88 23.25
C LEU D 34 -7.12 18.73 24.38
N ALA D 35 -6.28 19.03 25.38
CA ALA D 35 -6.72 19.90 26.46
C ALA D 35 -7.04 21.31 25.95
N ALA D 36 -6.18 21.84 25.08
CA ALA D 36 -6.43 23.18 24.56
C ALA D 36 -7.73 23.21 23.75
N ASP D 37 -8.09 22.09 23.12
CA ASP D 37 -9.34 22.00 22.38
C ASP D 37 -10.54 21.72 23.26
N GLY D 38 -10.35 21.50 24.56
CA GLY D 38 -11.49 21.39 25.47
C GLY D 38 -11.56 20.16 26.34
N ALA D 39 -10.73 19.16 26.08
CA ALA D 39 -10.84 17.87 26.74
C ALA D 39 -10.17 17.83 28.11
N ASP D 40 -10.74 17.01 28.99
CA ASP D 40 -10.01 16.53 30.16
C ASP D 40 -9.07 15.43 29.70
N VAL D 41 -7.84 15.44 30.20
CA VAL D 41 -6.80 14.60 29.61
C VAL D 41 -6.03 13.88 30.71
N ALA D 42 -5.95 12.55 30.62
CA ALA D 42 -5.02 11.76 31.41
C ALA D 42 -3.85 11.29 30.54
N ILE D 43 -2.69 11.14 31.17
CA ILE D 43 -1.50 10.62 30.50
C ILE D 43 -0.93 9.47 31.30
N THR D 44 -0.23 8.55 30.63
CA THR D 44 0.62 7.60 31.30
C THR D 44 2.08 7.93 31.03
N TYR D 45 2.94 7.37 31.87
CA TYR D 45 4.38 7.51 31.73
C TYR D 45 5.02 6.33 32.40
N GLU D 46 6.30 6.13 32.12
CA GLU D 46 7.00 5.00 32.71
C GLU D 46 7.86 5.43 33.90
N LYS D 47 8.68 6.47 33.69
CA LYS D 47 9.63 6.92 34.71
C LYS D 47 9.68 8.42 34.89
N SER D 48 9.19 9.23 33.93
CA SER D 48 9.39 10.68 33.97
C SER D 48 8.30 11.36 34.79
N ALA D 49 8.35 11.15 36.11
CA ALA D 49 7.35 11.73 36.99
C ALA D 49 7.34 13.26 36.95
N GLU D 50 8.52 13.89 36.92
CA GLU D 50 8.59 15.35 36.90
C GLU D 50 7.95 15.90 35.64
N ARG D 51 8.36 15.38 34.49
CA ARG D 51 7.85 15.90 33.23
CA ARG D 51 7.84 15.90 33.22
C ARG D 51 6.35 15.61 33.07
N ALA D 52 5.92 14.44 33.53
CA ALA D 52 4.49 14.13 33.51
C ALA D 52 3.70 15.12 34.34
N GLN D 53 4.18 15.41 35.55
CA GLN D 53 3.46 16.34 36.40
C GLN D 53 3.44 17.73 35.80
N ALA D 54 4.51 18.12 35.08
CA ALA D 54 4.50 19.43 34.44
C ALA D 54 3.44 19.51 33.34
N VAL D 55 3.26 18.41 32.59
CA VAL D 55 2.20 18.37 31.57
C VAL D 55 0.83 18.50 32.24
N VAL D 56 0.61 17.76 33.33
CA VAL D 56 -0.65 17.83 34.05
C VAL D 56 -0.89 19.25 34.59
N ALA D 57 0.14 19.87 35.17
CA ALA D 57 -0.05 21.19 35.78
C ALA D 57 -0.38 22.24 34.72
N GLY D 58 0.18 22.10 33.53
CA GLY D 58 -0.14 23.04 32.47
C GLY D 58 -1.56 22.88 31.99
N ILE D 59 -2.01 21.63 31.88
CA ILE D 59 -3.40 21.38 31.49
C ILE D 59 -4.36 21.88 32.56
N GLU D 60 -4.03 21.66 33.83
CA GLU D 60 -4.92 22.14 34.89
C GLU D 60 -4.98 23.66 34.90
N ALA D 61 -3.88 24.33 34.55
CA ALA D 61 -3.87 25.78 34.48
C ALA D 61 -4.83 26.31 33.43
N LEU D 62 -5.21 25.49 32.45
CA LEU D 62 -6.23 25.85 31.48
C LEU D 62 -7.64 25.73 32.03
N GLY D 63 -7.82 25.07 33.16
CA GLY D 63 -9.15 24.81 33.67
C GLY D 63 -9.68 23.44 33.38
N ARG D 64 -8.88 22.56 32.78
CA ARG D 64 -9.32 21.20 32.53
CA ARG D 64 -9.28 21.19 32.50
C ARG D 64 -8.89 20.28 33.67
N ARG D 65 -9.53 19.12 33.72
CA ARG D 65 -9.06 18.07 34.61
C ARG D 65 -7.94 17.30 33.93
N ALA D 66 -6.99 16.84 34.73
CA ALA D 66 -5.86 16.12 34.17
C ALA D 66 -5.25 15.25 35.26
N ILE D 67 -4.77 14.07 34.86
CA ILE D 67 -4.07 13.19 35.80
C ILE D 67 -2.91 12.55 35.07
N ALA D 68 -1.88 12.20 35.84
CA ALA D 68 -0.74 11.46 35.33
C ALA D 68 -0.64 10.13 36.08
N ILE D 69 -0.59 9.05 35.32
CA ILE D 69 -0.56 7.69 35.86
C ILE D 69 0.75 7.04 35.45
N GLN D 70 1.55 6.65 36.44
CA GLN D 70 2.69 5.79 36.14
C GLN D 70 2.16 4.41 35.79
N ALA D 71 2.36 3.98 34.55
CA ALA D 71 1.83 2.69 34.11
C ALA D 71 2.76 2.16 33.03
N ASP D 72 3.47 1.09 33.36
CA ASP D 72 4.42 0.49 32.43
C ASP D 72 3.64 -0.20 31.31
N SER D 73 3.79 0.30 30.08
CA SER D 73 3.10 -0.31 28.94
C SER D 73 3.44 -1.80 28.79
N ALA D 74 4.62 -2.22 29.25
CA ALA D 74 4.99 -3.63 29.12
C ALA D 74 4.18 -4.53 30.04
N ASP D 75 3.42 -3.96 30.97
CA ASP D 75 2.63 -4.70 31.94
C ASP D 75 1.18 -4.60 31.53
N PRO D 76 0.59 -5.66 30.96
CA PRO D 76 -0.80 -5.58 30.50
C PRO D 76 -1.79 -5.25 31.61
N VAL D 77 -1.54 -5.70 32.83
CA VAL D 77 -2.44 -5.39 33.93
C VAL D 77 -2.39 -3.91 34.25
N ALA D 78 -1.19 -3.33 34.30
CA ALA D 78 -1.06 -1.90 34.54
C ALA D 78 -1.77 -1.08 33.47
N VAL D 79 -1.70 -1.53 32.22
CA VAL D 79 -2.32 -0.77 31.12
C VAL D 79 -3.84 -0.79 31.26
N ARG D 80 -4.41 -1.98 31.43
CA ARG D 80 -5.85 -2.12 31.61
CA ARG D 80 -5.86 -2.09 31.59
C ARG D 80 -6.33 -1.29 32.80
N ASN D 81 -5.60 -1.40 33.92
CA ASN D 81 -6.01 -0.69 35.13
C ASN D 81 -5.93 0.81 34.93
N ALA D 82 -4.96 1.29 34.13
CA ALA D 82 -4.84 2.72 33.89
C ALA D 82 -6.03 3.23 33.08
N VAL D 83 -6.44 2.48 32.06
CA VAL D 83 -7.64 2.83 31.31
C VAL D 83 -8.85 2.89 32.25
N ASP D 84 -9.01 1.87 33.10
CA ASP D 84 -10.17 1.84 33.99
C ASP D 84 -10.12 2.99 34.99
N ARG D 85 -8.92 3.33 35.46
CA ARG D 85 -8.76 4.43 36.40
C ARG D 85 -9.19 5.76 35.79
N VAL D 86 -8.82 6.00 34.52
CA VAL D 86 -9.20 7.24 33.85
C VAL D 86 -10.72 7.30 33.68
N ALA D 87 -11.31 6.22 33.18
CA ALA D 87 -12.76 6.21 33.00
C ALA D 87 -13.49 6.44 34.33
N GLU D 88 -12.99 5.86 35.42
CA GLU D 88 -13.61 6.10 36.72
C GLU D 88 -13.45 7.55 37.15
N ALA D 89 -12.24 8.11 36.99
CA ALA D 89 -11.95 9.47 37.45
C ALA D 89 -12.76 10.50 36.68
N PHE D 90 -12.87 10.32 35.37
CA PHE D 90 -13.53 11.30 34.51
C PHE D 90 -15.02 11.02 34.31
N GLY D 91 -15.52 9.89 34.79
CA GLY D 91 -16.90 9.54 34.57
C GLY D 91 -17.19 8.92 33.21
N GLY D 92 -16.17 8.49 32.49
CA GLY D 92 -16.33 7.99 31.14
C GLY D 92 -15.04 8.22 30.36
N LEU D 93 -15.09 7.82 29.09
CA LEU D 93 -13.93 7.95 28.22
C LEU D 93 -14.40 8.10 26.79
N ASP D 94 -13.85 9.07 26.09
CA ASP D 94 -14.22 9.37 24.72
C ASP D 94 -13.09 9.17 23.72
N ILE D 95 -11.84 9.30 24.15
CA ILE D 95 -10.69 9.33 23.24
C ILE D 95 -9.56 8.54 23.87
N LEU D 96 -9.00 7.58 23.12
CA LEU D 96 -7.79 6.87 23.52
C LEU D 96 -6.73 7.13 22.46
N VAL D 97 -5.56 7.59 22.89
CA VAL D 97 -4.41 7.74 21.99
C VAL D 97 -3.31 6.82 22.51
N ASN D 98 -3.01 5.77 21.72
CA ASN D 98 -1.92 4.83 22.03
C ASN D 98 -0.63 5.39 21.44
N ASN D 99 0.16 6.07 22.27
CA ASN D 99 1.34 6.75 21.79
C ASN D 99 2.65 6.27 22.39
N ALA D 100 2.67 5.78 23.62
CA ALA D 100 3.92 5.33 24.24
C ALA D 100 4.62 4.29 23.37
N GLY D 101 5.91 4.49 23.15
CA GLY D 101 6.64 3.54 22.33
C GLY D 101 8.13 3.66 22.57
N ILE D 102 8.86 2.62 22.14
CA ILE D 102 10.31 2.57 22.25
C ILE D 102 10.93 2.24 20.90
N PHE D 103 12.19 2.65 20.75
CA PHE D 103 12.99 2.34 19.56
CA PHE D 103 13.00 2.41 19.56
C PHE D 103 14.33 1.81 20.05
N ARG D 104 14.48 0.49 20.02
CA ARG D 104 15.69 -0.18 20.49
C ARG D 104 16.72 -0.19 19.35
N ALA D 105 17.76 0.63 19.46
CA ALA D 105 18.76 0.70 18.40
C ALA D 105 19.63 -0.56 18.39
N GLY D 106 20.02 -0.99 17.21
CA GLY D 106 21.06 -2.00 17.09
C GLY D 106 20.94 -2.82 15.82
N SER D 107 22.03 -3.52 15.53
CA SER D 107 22.11 -4.38 14.36
C SER D 107 21.33 -5.67 14.57
N LEU D 108 21.06 -6.35 13.46
CA LEU D 108 20.42 -7.66 13.52
C LEU D 108 21.26 -8.64 14.32
N ASP D 109 22.57 -8.66 14.08
CA ASP D 109 23.46 -9.60 14.77
C ASP D 109 23.35 -9.44 16.28
N ASP D 110 23.19 -8.21 16.76
CA ASP D 110 23.23 -7.90 18.19
C ASP D 110 21.86 -7.89 18.84
N LEU D 111 20.81 -8.08 18.06
CA LEU D 111 19.46 -8.07 18.59
C LEU D 111 19.29 -9.13 19.68
N THR D 112 18.76 -8.71 20.82
CA THR D 112 18.53 -9.61 21.95
C THR D 112 17.07 -9.97 22.07
N LEU D 113 16.82 -11.08 22.77
CA LEU D 113 15.45 -11.47 23.08
C LEU D 113 14.78 -10.43 23.96
N ASP D 114 15.52 -9.84 24.91
CA ASP D 114 14.96 -8.74 25.70
C ASP D 114 14.48 -7.59 24.82
N ASP D 115 15.27 -7.21 23.80
CA ASP D 115 14.85 -6.14 22.89
C ASP D 115 13.57 -6.53 22.15
N ILE D 116 13.51 -7.77 21.68
CA ILE D 116 12.35 -8.22 20.93
C ILE D 116 11.12 -8.17 21.82
N ASP D 117 11.22 -8.76 23.02
CA ASP D 117 10.08 -8.81 23.92
C ASP D 117 9.66 -7.41 24.36
N ALA D 118 10.62 -6.55 24.68
CA ALA D 118 10.26 -5.20 25.10
C ALA D 118 9.54 -4.46 24.00
N THR D 119 10.03 -4.59 22.77
CA THR D 119 9.41 -3.86 21.68
C THR D 119 8.01 -4.41 21.38
N LEU D 120 7.84 -5.73 21.36
CA LEU D 120 6.51 -6.25 21.08
C LEU D 120 5.56 -5.94 22.23
N ASN D 121 6.07 -6.02 23.47
CA ASN D 121 5.22 -5.76 24.64
C ASN D 121 4.76 -4.31 24.69
N VAL D 122 5.69 -3.36 24.47
CA VAL D 122 5.38 -1.94 24.61
C VAL D 122 4.69 -1.41 23.37
N ASN D 123 5.22 -1.75 22.20
CA ASN D 123 4.74 -1.11 20.98
C ASN D 123 3.52 -1.81 20.40
N VAL D 124 3.29 -3.08 20.74
CA VAL D 124 2.17 -3.82 20.13
C VAL D 124 1.18 -4.28 21.20
N ARG D 125 1.63 -5.09 22.16
CA ARG D 125 0.67 -5.66 23.09
C ARG D 125 -0.03 -4.57 23.89
N ALA D 126 0.70 -3.53 24.28
CA ALA D 126 0.07 -2.49 25.08
C ALA D 126 -1.03 -1.79 24.30
N VAL D 127 -0.85 -1.67 22.98
CA VAL D 127 -1.86 -1.02 22.15
C VAL D 127 -3.12 -1.87 22.09
N ILE D 128 -2.94 -3.18 21.91
CA ILE D 128 -4.07 -4.11 21.86
C ILE D 128 -4.82 -4.09 23.19
N VAL D 129 -4.07 -4.18 24.30
CA VAL D 129 -4.69 -4.27 25.62
C VAL D 129 -5.43 -2.99 25.97
N ALA D 130 -4.80 -1.83 25.73
CA ALA D 130 -5.46 -0.56 26.03
C ALA D 130 -6.70 -0.37 25.15
N SER D 131 -6.59 -0.77 23.87
CA SER D 131 -7.73 -0.64 22.96
C SER D 131 -8.91 -1.48 23.44
N GLN D 132 -8.65 -2.73 23.83
CA GLN D 132 -9.70 -3.59 24.36
C GLN D 132 -10.31 -3.00 25.64
N ALA D 133 -9.46 -2.56 26.56
CA ALA D 133 -9.95 -1.98 27.81
C ALA D 133 -10.78 -0.73 27.54
N ALA D 134 -10.31 0.13 26.63
CA ALA D 134 -11.05 1.36 26.35
C ALA D 134 -12.41 1.07 25.72
N ALA D 135 -12.48 0.00 24.92
CA ALA D 135 -13.74 -0.36 24.26
C ALA D 135 -14.84 -0.74 25.25
N ARG D 136 -14.48 -1.07 26.50
CA ARG D 136 -15.49 -1.30 27.52
CA ARG D 136 -15.51 -1.31 27.51
C ARG D 136 -16.12 -0.01 28.05
N HIS D 137 -15.52 1.13 27.74
CA HIS D 137 -15.99 2.44 28.21
C HIS D 137 -16.45 3.35 27.10
N LEU D 138 -15.79 3.28 25.94
CA LEU D 138 -16.13 4.14 24.82
C LEU D 138 -17.54 3.85 24.33
N GLY D 139 -18.20 4.91 23.84
CA GLY D 139 -19.53 4.79 23.28
C GLY D 139 -19.57 5.36 21.88
N GLU D 140 -20.78 5.55 21.34
CA GLU D 140 -20.91 6.10 20.01
C GLU D 140 -20.20 7.44 19.93
N GLY D 141 -19.44 7.64 18.86
CA GLY D 141 -18.65 8.84 18.71
C GLY D 141 -17.27 8.78 19.33
N GLY D 142 -16.95 7.69 20.04
CA GLY D 142 -15.61 7.52 20.57
C GLY D 142 -14.56 7.42 19.49
N ARG D 143 -13.30 7.62 19.89
CA ARG D 143 -12.19 7.71 18.95
CA ARG D 143 -12.20 7.70 18.95
C ARG D 143 -10.97 7.01 19.53
N ILE D 144 -10.35 6.13 18.73
CA ILE D 144 -9.06 5.52 19.06
C ILE D 144 -8.07 5.90 17.98
N VAL D 145 -6.90 6.41 18.40
CA VAL D 145 -5.81 6.71 17.48
C VAL D 145 -4.55 6.10 18.06
N SER D 146 -3.68 5.53 17.21
CA SER D 146 -2.38 5.07 17.67
C SER D 146 -1.29 5.79 16.90
N THR D 147 -0.11 5.89 17.51
CA THR D 147 1.03 6.51 16.84
C THR D 147 1.84 5.42 16.15
N GLY D 148 1.88 5.48 14.82
CA GLY D 148 2.62 4.52 14.03
C GLY D 148 4.01 5.02 13.69
N SER D 149 4.38 4.96 12.41
CA SER D 149 5.67 5.47 11.94
C SER D 149 5.68 5.33 10.42
N CYS D 150 6.33 6.29 9.75
CA CYS D 150 6.54 6.10 8.31
C CYS D 150 7.36 4.84 8.02
N LEU D 151 8.17 4.36 8.98
CA LEU D 151 8.93 3.14 8.81
C LEU D 151 8.05 1.89 8.78
N ALA D 152 6.76 2.00 9.15
CA ALA D 152 5.89 0.82 9.13
C ALA D 152 5.68 0.29 7.72
N THR D 153 5.78 1.16 6.72
CA THR D 153 5.54 0.75 5.34
C THR D 153 6.71 0.93 4.42
N ARG D 154 7.80 1.58 4.87
CA ARG D 154 8.93 1.86 4.02
CA ARG D 154 8.95 1.83 4.00
C ARG D 154 10.17 1.88 4.91
N VAL D 155 11.11 0.95 4.69
CA VAL D 155 12.28 0.86 5.58
C VAL D 155 13.54 1.12 4.75
N PRO D 156 14.20 2.27 4.93
CA PRO D 156 15.28 2.65 4.02
C PRO D 156 16.65 2.08 4.34
N ASP D 157 16.89 1.67 5.58
CA ASP D 157 18.22 1.25 5.96
C ASP D 157 18.15 0.07 6.91
N ALA D 158 19.33 -0.52 7.14
CA ALA D 158 19.48 -1.56 8.15
C ALA D 158 19.28 -1.00 9.55
N GLY D 159 18.99 -1.90 10.48
CA GLY D 159 18.93 -1.56 11.90
C GLY D 159 17.57 -1.15 12.41
N MET D 160 16.54 -1.20 11.57
CA MET D 160 15.21 -0.72 11.92
C MET D 160 14.15 -1.81 11.91
N SER D 161 14.53 -3.08 11.76
CA SER D 161 13.56 -4.09 11.33
C SER D 161 12.59 -4.45 12.44
N LEU D 162 13.10 -4.63 13.66
CA LEU D 162 12.21 -4.92 14.78
C LEU D 162 11.24 -3.77 15.01
N TYR D 163 11.74 -2.55 15.01
CA TYR D 163 10.86 -1.41 15.20
C TYR D 163 9.83 -1.30 14.09
N ALA D 164 10.27 -1.44 12.83
CA ALA D 164 9.33 -1.37 11.71
C ALA D 164 8.25 -2.43 11.83
N ALA D 165 8.64 -3.64 12.23
CA ALA D 165 7.65 -4.70 12.43
C ALA D 165 6.62 -4.31 13.46
N SER D 166 7.08 -3.72 14.58
CA SER D 166 6.15 -3.37 15.66
C SER D 166 5.16 -2.30 15.20
N LYS D 167 5.60 -1.36 14.36
CA LYS D 167 4.67 -0.33 13.90
C LYS D 167 3.76 -0.84 12.78
N ALA D 168 4.27 -1.70 11.91
CA ALA D 168 3.42 -2.30 10.88
C ALA D 168 2.32 -3.13 11.52
N ALA D 169 2.62 -3.79 12.66
CA ALA D 169 1.58 -4.55 13.35
C ALA D 169 0.37 -3.70 13.64
N LEU D 170 0.60 -2.44 13.97
CA LEU D 170 -0.49 -1.56 14.36
C LEU D 170 -1.39 -1.20 13.18
N ILE D 171 -0.90 -1.33 11.94
CA ILE D 171 -1.77 -1.09 10.79
C ILE D 171 -2.85 -2.17 10.73
N GLY D 172 -2.44 -3.44 10.81
CA GLY D 172 -3.44 -4.51 10.82
C GLY D 172 -4.39 -4.40 12.00
N TRP D 173 -3.86 -4.09 13.18
CA TRP D 173 -4.71 -3.91 14.34
C TRP D 173 -5.74 -2.81 14.09
N THR D 174 -5.28 -1.67 13.57
CA THR D 174 -6.16 -0.51 13.38
C THR D 174 -7.29 -0.83 12.41
N GLN D 175 -6.95 -1.46 11.29
CA GLN D 175 -7.97 -1.75 10.29
C GLN D 175 -8.98 -2.78 10.81
N GLY D 176 -8.48 -3.81 11.49
CA GLY D 176 -9.39 -4.80 12.06
C GLY D 176 -10.24 -4.21 13.17
N LEU D 177 -9.64 -3.35 14.00
CA LEU D 177 -10.41 -2.83 15.12
C LEU D 177 -11.49 -1.87 14.64
N ALA D 178 -11.24 -1.18 13.53
CA ALA D 178 -12.30 -0.36 12.94
C ALA D 178 -13.49 -1.23 12.55
N ARG D 179 -13.24 -2.43 12.03
CA ARG D 179 -14.35 -3.33 11.74
C ARG D 179 -15.04 -3.79 13.02
N ASP D 180 -14.26 -4.16 14.05
CA ASP D 180 -14.83 -4.60 15.33
C ASP D 180 -15.77 -3.56 15.92
N LEU D 181 -15.36 -2.28 15.89
CA LEU D 181 -16.07 -1.24 16.62
C LEU D 181 -16.99 -0.42 15.73
N GLY D 182 -17.11 -0.78 14.46
CA GLY D 182 -17.98 -0.06 13.54
C GLY D 182 -19.42 0.02 14.00
N PRO D 183 -20.02 -1.13 14.34
CA PRO D 183 -21.41 -1.11 14.81
C PRO D 183 -21.61 -0.25 16.04
N ARG D 184 -20.59 -0.03 16.85
CA ARG D 184 -20.72 0.80 18.02
C ARG D 184 -20.38 2.27 17.75
N GLY D 185 -19.97 2.60 16.53
CA GLY D 185 -19.76 3.99 16.18
C GLY D 185 -18.47 4.59 16.67
N ILE D 186 -17.43 3.77 16.84
CA ILE D 186 -16.13 4.21 17.34
C ILE D 186 -15.15 4.11 16.18
N THR D 187 -14.47 5.21 15.85
CA THR D 187 -13.47 5.13 14.78
C THR D 187 -12.11 4.73 15.34
N VAL D 188 -11.30 4.12 14.49
CA VAL D 188 -9.97 3.66 14.87
C VAL D 188 -9.03 4.01 13.72
N ASN D 189 -7.98 4.78 14.02
CA ASN D 189 -7.07 5.31 13.01
C ASN D 189 -5.65 5.26 13.53
N ILE D 190 -4.69 5.42 12.62
CA ILE D 190 -3.28 5.48 12.99
C ILE D 190 -2.64 6.67 12.30
N VAL D 191 -1.88 7.47 13.06
CA VAL D 191 -1.11 8.57 12.52
C VAL D 191 0.34 8.13 12.50
N HIS D 192 0.98 8.24 11.33
CA HIS D 192 2.35 7.76 11.12
C HIS D 192 3.27 8.95 10.99
N PRO D 193 3.98 9.34 12.04
CA PRO D 193 4.95 10.42 11.88
C PRO D 193 6.18 9.92 11.17
N GLY D 194 6.79 10.82 10.41
CA GLY D 194 8.17 10.72 10.05
C GLY D 194 9.03 11.37 11.10
N SER D 195 10.21 11.83 10.68
CA SER D 195 11.18 12.38 11.62
C SER D 195 10.60 13.58 12.31
N THR D 196 10.48 13.48 13.64
CA THR D 196 9.82 14.48 14.47
C THR D 196 10.72 14.78 15.65
N ASP D 197 11.00 16.06 15.89
CA ASP D 197 12.02 16.47 16.84
C ASP D 197 11.58 16.16 18.27
N THR D 198 12.16 15.11 18.87
CA THR D 198 11.86 14.67 20.24
C THR D 198 13.12 14.08 20.86
N ASP D 199 13.01 13.66 22.13
CA ASP D 199 14.16 12.98 22.74
C ASP D 199 14.51 11.70 22.00
N MET D 200 13.49 10.99 21.48
CA MET D 200 13.75 9.77 20.72
C MET D 200 14.47 10.08 19.42
N ASN D 201 14.19 11.22 18.81
CA ASN D 201 14.69 11.54 17.47
C ASN D 201 15.03 13.03 17.40
N PRO D 202 16.18 13.44 17.94
CA PRO D 202 16.49 14.87 17.98
C PRO D 202 16.88 15.43 16.61
N ALA D 203 16.41 16.64 16.32
CA ALA D 203 16.68 17.21 14.99
C ALA D 203 18.13 17.62 14.81
N ASP D 204 18.85 17.84 15.90
CA ASP D 204 20.26 18.21 15.83
C ASP D 204 21.14 17.01 16.13
N GLY D 205 20.58 15.81 16.04
CA GLY D 205 21.32 14.59 16.31
C GLY D 205 22.29 14.27 15.19
N ALA D 206 23.03 13.18 15.40
CA ALA D 206 24.08 12.79 14.45
C ALA D 206 23.50 12.18 13.18
N HIS D 207 22.38 11.47 13.28
CA HIS D 207 21.73 10.78 12.16
C HIS D 207 20.58 11.58 11.56
N ALA D 208 20.43 12.84 11.97
CA ALA D 208 19.28 13.61 11.52
C ALA D 208 19.47 14.13 10.11
N ASP D 209 20.73 14.36 9.71
CA ASP D 209 21.02 14.73 8.33
C ASP D 209 20.55 13.65 7.37
N ALA D 210 20.82 12.39 7.70
CA ALA D 210 20.40 11.30 6.84
C ALA D 210 18.88 11.24 6.74
N GLN D 211 18.20 11.47 7.86
CA GLN D 211 16.74 11.42 7.83
C GLN D 211 16.18 12.59 7.02
N ARG D 212 16.75 13.80 7.18
CA ARG D 212 16.27 14.92 6.38
C ARG D 212 16.47 14.66 4.88
N SER D 213 17.57 13.99 4.52
CA SER D 213 17.85 13.74 3.10
CA SER D 213 17.83 13.77 3.10
C SER D 213 16.80 12.86 2.43
N ARG D 214 16.05 12.08 3.22
CA ARG D 214 15.00 11.23 2.65
C ARG D 214 13.73 12.00 2.35
N MET D 215 13.55 13.17 2.96
CA MET D 215 12.31 13.92 2.86
C MET D 215 12.26 14.71 1.55
N ALA D 216 11.05 15.09 1.16
CA ALA D 216 10.90 16.01 0.03
C ALA D 216 11.24 17.44 0.44
N ILE D 217 10.75 17.85 1.61
CA ILE D 217 11.11 19.13 2.20
C ILE D 217 11.89 18.81 3.47
N GLN D 218 13.17 19.20 3.50
CA GLN D 218 14.11 18.56 4.42
C GLN D 218 14.18 19.33 5.74
N GLN D 219 13.16 19.08 6.57
CA GLN D 219 13.00 19.73 7.86
C GLN D 219 12.28 18.76 8.78
N TYR D 220 12.82 18.54 9.99
CA TYR D 220 12.13 17.70 10.96
C TYR D 220 10.74 18.25 11.26
N GLY D 221 9.80 17.34 11.49
CA GLY D 221 8.48 17.74 11.90
C GLY D 221 8.45 18.19 13.34
N LYS D 222 7.42 18.99 13.63
CA LYS D 222 7.15 19.49 14.98
C LYS D 222 6.15 18.55 15.66
N ALA D 223 6.42 18.20 16.91
CA ALA D 223 5.47 17.39 17.66
C ALA D 223 4.10 18.06 17.73
N ASP D 224 4.07 19.40 17.83
CA ASP D 224 2.78 20.07 17.89
C ASP D 224 1.97 19.89 16.61
N ASP D 225 2.62 19.74 15.45
CA ASP D 225 1.86 19.49 14.22
C ASP D 225 1.31 18.06 14.19
N VAL D 226 2.10 17.09 14.68
CA VAL D 226 1.55 15.73 14.81
C VAL D 226 0.31 15.77 15.69
N ALA D 227 0.41 16.49 16.82
CA ALA D 227 -0.73 16.62 17.72
C ALA D 227 -1.92 17.29 17.02
N ALA D 228 -1.66 18.28 16.17
CA ALA D 228 -2.76 18.95 15.45
C ALA D 228 -3.51 17.96 14.57
N LEU D 229 -2.78 17.06 13.90
CA LEU D 229 -3.41 16.08 13.03
C LEU D 229 -4.22 15.07 13.85
N VAL D 230 -3.66 14.58 14.96
CA VAL D 230 -4.42 13.71 15.84
C VAL D 230 -5.70 14.40 16.30
N ALA D 231 -5.59 15.68 16.67
CA ALA D 231 -6.74 16.42 17.16
C ALA D 231 -7.80 16.57 16.07
N PHE D 232 -7.40 16.75 14.81
CA PHE D 232 -8.37 16.78 13.73
C PHE D 232 -9.12 15.45 13.62
N VAL D 233 -8.38 14.34 13.65
CA VAL D 233 -8.95 13.02 13.47
C VAL D 233 -9.99 12.72 14.55
N VAL D 234 -9.71 13.13 15.80
CA VAL D 234 -10.62 12.80 16.89
C VAL D 234 -11.67 13.86 17.13
N GLY D 235 -11.69 14.93 16.33
CA GLY D 235 -12.58 16.05 16.52
C GLY D 235 -13.85 15.98 15.68
N PRO D 236 -14.61 17.07 15.70
CA PRO D 236 -15.98 17.04 15.16
C PRO D 236 -16.07 16.92 13.65
N GLU D 237 -14.98 17.07 12.92
CA GLU D 237 -15.01 16.89 11.47
C GLU D 237 -14.29 15.63 11.02
N GLY D 238 -13.89 14.76 11.94
CA GLY D 238 -13.17 13.55 11.65
C GLY D 238 -13.99 12.26 11.62
N ARG D 239 -15.32 12.34 11.72
CA ARG D 239 -16.12 11.12 11.91
C ARG D 239 -15.98 10.12 10.76
N SER D 240 -15.75 10.61 9.52
CA SER D 240 -15.65 9.72 8.38
C SER D 240 -14.22 9.27 8.11
N ILE D 241 -13.25 9.72 8.91
CA ILE D 241 -11.90 9.19 8.85
C ILE D 241 -11.87 7.96 9.72
N ASN D 242 -11.60 6.80 9.13
CA ASN D 242 -11.78 5.57 9.90
C ASN D 242 -11.01 4.44 9.25
N GLY D 243 -10.32 3.66 10.08
CA GLY D 243 -9.59 2.49 9.61
C GLY D 243 -8.38 2.84 8.79
N THR D 244 -7.86 4.06 8.89
CA THR D 244 -6.87 4.50 7.93
C THR D 244 -5.61 5.00 8.63
N GLY D 245 -4.56 5.13 7.81
CA GLY D 245 -3.29 5.68 8.26
C GLY D 245 -3.06 7.04 7.63
N LEU D 246 -2.68 8.00 8.47
CA LEU D 246 -2.38 9.35 8.02
CA LEU D 246 -2.36 9.35 8.01
C LEU D 246 -0.90 9.63 8.30
N THR D 247 -0.12 9.84 7.24
CA THR D 247 1.33 10.01 7.36
C THR D 247 1.71 11.47 7.32
N ILE D 248 2.58 11.86 8.25
CA ILE D 248 3.07 13.23 8.40
C ILE D 248 4.59 13.12 8.53
N ASP D 249 5.25 13.05 7.36
CA ASP D 249 6.66 12.62 7.31
C ASP D 249 7.51 13.46 6.38
N GLY D 250 7.02 14.65 5.96
CA GLY D 250 7.82 15.52 5.11
C GLY D 250 8.08 14.98 3.74
N GLY D 251 7.34 13.94 3.34
CA GLY D 251 7.52 13.30 2.05
C GLY D 251 8.51 12.15 2.02
N ALA D 252 8.97 11.69 3.18
CA ALA D 252 9.95 10.59 3.17
C ALA D 252 9.41 9.38 2.41
N ASN D 253 8.11 9.10 2.53
CA ASN D 253 7.52 7.92 1.91
C ASN D 253 6.99 8.18 0.51
N ALA D 254 7.26 9.35 -0.05
CA ALA D 254 6.83 9.56 -1.43
C ALA D 254 7.58 8.60 -2.39
#